data_6GJA
#
_entry.id   6GJA
#
_cell.length_a   125.980
_cell.length_b   125.980
_cell.length_c   106.550
_cell.angle_alpha   90.000
_cell.angle_beta   90.000
_cell.angle_gamma   120.000
#
_symmetry.space_group_name_H-M   'H 3'
#
loop_
_entity.id
_entity.type
_entity.pdbx_description
1 polymer 'Purple acid phosphatase'
2 branched beta-D-mannopyranose-(1-4)-2-acetamido-2-deoxy-beta-D-glucopyranose-(1-4)-2-acetamido-2-deoxy-beta-D-glucopyranose
3 non-polymer 'FE (III) ION'
4 non-polymer 2-acetamido-2-deoxy-beta-D-glucopyranose
5 non-polymer 'PHOSPHATE ION'
6 non-polymer DI(HYDROXYETHYL)ETHER
7 non-polymer 1,2-ETHANEDIOL
8 non-polymer 'TRIETHYLENE GLYCOL'
9 non-polymer 1-(2-METHOXY-ETHOXY)-2-{2-[2-(2-METHOXY-ETHOXY]-ETHOXY}-ETHANE
10 water water
#
_entity_poly.entity_id   1
_entity_poly.type   'polypeptide(L)'
_entity_poly.pdbx_seq_one_letter_code
;EPASTLEGPSRPVTVPLREDRGHAVDLPDTDPRVQRRVTGWAPEQIAVALSAAPTSAWVSWITGDFQMGGAVKPLDPGTV
GSVVRYGLAADSLVREATGDALVYSQLYPFEGLQNYTSGIIHHVRLQGLEPGTKYYYQCGDPSIPGAMSAVHAFRTMPAV
GPRSYPGRIAVVGDLGLTYNTTSTVEHMASNQPDLVLLLGDVSYANLYLTNGTGTDCYSCSFAKSTPIAETYQPRWDYWG
RYMEPVTSSTPMMVVEGNHEIEQQIGNKTFAAYSARFAFPSMESESFSPFYYSFDAGGIHFIMLAAYADYSKSGEQYRWL
EKDLAKVDRSVTPWLVAGWHAPWYSTYKAHYREAECMRVAMEELLYSYGLDIVFTGHVHAYERSNRVFNYTLDPCGAVHI
SVGDGGNREKMATTHADDPGRCPEPMSTPDAFMGGFCAFNFTSGPAAGSFCWDRQPDYSAYRESSFGHGILEVKNETHAL
WKWHRNQDLYQGAVGDEIYIVREPERCLLKHHHHHH
;
_entity_poly.pdbx_strand_id   A
#
loop_
_chem_comp.id
_chem_comp.type
_chem_comp.name
_chem_comp.formula
BMA D-saccharide, beta linking beta-D-mannopyranose 'C6 H12 O6'
EDO non-polymer 1,2-ETHANEDIOL 'C2 H6 O2'
FE non-polymer 'FE (III) ION' 'Fe 3'
NAG D-saccharide, beta linking 2-acetamido-2-deoxy-beta-D-glucopyranose 'C8 H15 N O6'
PEG non-polymer DI(HYDROXYETHYL)ETHER 'C4 H10 O3'
PG6 non-polymer 1-(2-METHOXY-ETHOXY)-2-{2-[2-(2-METHOXY-ETHOXY]-ETHOXY}-ETHANE 'C12 H26 O6'
PGE non-polymer 'TRIETHYLENE GLYCOL' 'C6 H14 O4'
PO4 non-polymer 'PHOSPHATE ION' 'O4 P -3'
#
# COMPACT_ATOMS: atom_id res chain seq x y z
N GLU A 1 17.97 -15.76 -19.14
CA GLU A 1 16.84 -14.87 -19.31
C GLU A 1 15.61 -15.41 -18.57
N PRO A 2 14.93 -14.55 -17.81
CA PRO A 2 13.75 -15.00 -17.06
C PRO A 2 12.62 -15.44 -17.97
N ALA A 3 11.78 -16.35 -17.43
CA ALA A 3 10.54 -16.74 -18.09
C ALA A 3 9.58 -15.55 -18.17
N SER A 4 8.49 -15.73 -18.93
CA SER A 4 7.57 -14.63 -19.18
C SER A 4 6.14 -15.14 -19.39
N THR A 5 5.18 -14.22 -19.28
CA THR A 5 3.76 -14.53 -19.53
C THR A 5 3.44 -14.66 -21.01
N LEU A 6 4.39 -14.38 -21.89
CA LEU A 6 4.07 -14.23 -23.30
C LEU A 6 3.57 -15.53 -23.91
N GLU A 7 4.06 -16.67 -23.46
CA GLU A 7 3.63 -17.95 -24.03
C GLU A 7 2.52 -18.61 -23.22
N GLY A 8 1.78 -17.84 -22.43
CA GLY A 8 0.60 -18.35 -21.78
C GLY A 8 0.82 -18.75 -20.34
N PRO A 9 -0.20 -19.35 -19.72
CA PRO A 9 -0.13 -19.65 -18.29
C PRO A 9 0.83 -20.79 -17.99
N SER A 10 1.33 -20.79 -16.76
CA SER A 10 2.12 -21.90 -16.27
C SER A 10 1.28 -22.82 -15.39
N ARG A 11 1.71 -24.08 -15.32
CA ARG A 11 1.05 -25.04 -14.45
C ARG A 11 1.26 -24.63 -12.99
N PRO A 12 0.24 -24.73 -12.15
CA PRO A 12 0.33 -24.17 -10.80
C PRO A 12 1.43 -24.81 -9.97
N VAL A 13 2.05 -23.97 -9.14
CA VAL A 13 3.10 -24.37 -8.20
C VAL A 13 2.70 -23.95 -6.79
N THR A 14 2.81 -24.88 -5.84
CA THR A 14 2.71 -24.60 -4.41
C THR A 14 4.03 -24.96 -3.77
N VAL A 15 4.60 -24.03 -3.01
CA VAL A 15 5.84 -24.27 -2.30
C VAL A 15 5.51 -24.94 -0.95
N PRO A 16 6.08 -26.11 -0.65
CA PRO A 16 5.72 -26.79 0.60
C PRO A 16 5.98 -25.93 1.83
N LEU A 17 5.15 -26.12 2.85
CA LEU A 17 5.25 -25.35 4.08
C LEU A 17 6.51 -25.69 4.87
N ARG A 18 7.03 -24.69 5.58
CA ARG A 18 8.16 -24.90 6.46
C ARG A 18 7.69 -25.38 7.84
N HIS A 23 4.02 -17.08 15.77
CA HIS A 23 3.74 -15.70 15.39
C HIS A 23 5.00 -14.84 15.41
N ALA A 24 5.01 -13.83 14.55
CA ALA A 24 6.01 -12.78 14.70
C ALA A 24 5.85 -12.11 16.06
N VAL A 25 6.93 -11.49 16.54
CA VAL A 25 6.92 -10.75 17.80
C VAL A 25 6.94 -9.26 17.50
N ASP A 26 5.97 -8.52 18.06
CA ASP A 26 5.92 -7.08 17.86
C ASP A 26 7.15 -6.40 18.47
N LEU A 27 7.64 -5.35 17.80
CA LEU A 27 8.69 -4.54 18.39
C LEU A 27 8.21 -3.96 19.70
N PRO A 28 9.00 -4.05 20.77
CA PRO A 28 8.61 -3.45 22.04
C PRO A 28 8.79 -1.93 22.01
N ASP A 29 8.05 -1.28 22.90
CA ASP A 29 8.18 0.18 23.00
C ASP A 29 9.51 0.61 23.60
N THR A 30 10.34 -0.35 24.02
CA THR A 30 11.71 -0.07 24.46
C THR A 30 12.70 -0.04 23.32
N ASP A 31 12.28 -0.40 22.12
CA ASP A 31 13.20 -0.43 21.01
C ASP A 31 13.62 1.00 20.69
N PRO A 32 14.92 1.32 20.69
CA PRO A 32 15.32 2.70 20.40
C PRO A 32 14.76 3.22 19.10
N ARG A 33 14.48 2.34 18.14
CA ARG A 33 14.02 2.78 16.83
C ARG A 33 12.60 3.35 16.87
N VAL A 34 11.82 3.04 17.90
CA VAL A 34 10.46 3.55 18.00
C VAL A 34 10.32 4.64 19.05
N GLN A 35 11.40 4.96 19.76
CA GLN A 35 11.34 6.00 20.78
C GLN A 35 11.53 7.38 20.13
N ARG A 36 11.14 8.40 20.87
CA ARG A 36 11.32 9.77 20.38
C ARG A 36 12.82 10.09 20.32
N ARG A 37 13.30 10.41 19.13
CA ARG A 37 14.71 10.75 18.92
C ARG A 37 14.93 12.25 18.74
N VAL A 38 13.88 13.05 18.90
CA VAL A 38 13.94 14.49 18.83
C VAL A 38 13.24 15.05 20.06
N THR A 39 13.45 16.35 20.31
CA THR A 39 12.84 17.02 21.43
C THR A 39 12.00 18.20 20.95
N GLY A 40 11.13 18.68 21.84
CA GLY A 40 10.33 19.84 21.55
C GLY A 40 9.49 19.64 20.30
N TRP A 41 9.48 20.66 19.43
CA TRP A 41 8.66 20.63 18.23
C TRP A 41 9.44 20.18 16.98
N ALA A 42 10.60 19.56 17.15
CA ALA A 42 11.36 19.14 15.98
C ALA A 42 10.62 18.03 15.22
N PRO A 43 10.76 17.98 13.90
CA PRO A 43 10.00 16.99 13.13
C PRO A 43 10.41 15.55 13.39
N GLU A 44 9.41 14.67 13.39
CA GLU A 44 9.64 13.24 13.42
C GLU A 44 8.68 12.58 12.42
N GLN A 45 8.88 11.29 12.18
CA GLN A 45 8.01 10.54 11.27
C GLN A 45 7.94 11.21 9.89
N ILE A 46 9.08 11.70 9.41
CA ILE A 46 9.14 12.40 8.11
C ILE A 46 8.91 11.41 6.98
N ALA A 47 8.02 11.77 6.06
CA ALA A 47 7.64 10.87 4.97
C ALA A 47 7.35 11.65 3.70
N VAL A 48 7.81 11.10 2.56
CA VAL A 48 7.56 11.67 1.24
C VAL A 48 6.49 10.84 0.55
N ALA A 49 5.61 11.50 -0.22
CA ALA A 49 4.61 10.84 -1.03
C ALA A 49 4.58 11.51 -2.40
N LEU A 50 4.19 10.74 -3.41
CA LEU A 50 4.02 11.32 -4.73
C LEU A 50 2.77 12.17 -4.82
N SER A 51 2.80 13.13 -5.75
CA SER A 51 1.57 13.80 -6.18
C SER A 51 1.05 13.05 -7.40
N ALA A 52 0.05 13.60 -8.09
CA ALA A 52 -0.49 12.89 -9.26
C ALA A 52 0.48 12.88 -10.42
N ALA A 53 1.34 13.90 -10.54
CA ALA A 53 2.33 14.00 -11.59
C ALA A 53 3.73 14.09 -11.00
N PRO A 54 4.75 13.63 -11.75
CA PRO A 54 6.12 13.64 -11.23
C PRO A 54 6.64 15.01 -10.84
N THR A 55 6.03 16.09 -11.33
CA THR A 55 6.50 17.45 -11.09
C THR A 55 6.07 18.01 -9.73
N SER A 56 5.46 17.19 -8.88
CA SER A 56 5.05 17.63 -7.55
CA SER A 56 5.07 17.63 -7.55
C SER A 56 5.18 16.44 -6.60
N ALA A 57 5.38 16.74 -5.31
CA ALA A 57 5.49 15.70 -4.29
C ALA A 57 5.06 16.29 -2.95
N TRP A 58 4.74 15.40 -2.01
CA TRP A 58 4.33 15.76 -0.66
C TRP A 58 5.42 15.41 0.34
N VAL A 59 5.65 16.31 1.30
CA VAL A 59 6.49 16.07 2.47
C VAL A 59 5.62 16.22 3.70
N SER A 60 5.65 15.22 4.58
CA SER A 60 4.81 15.19 5.78
C SER A 60 5.65 14.84 6.99
N TRP A 61 5.20 15.27 8.16
CA TRP A 61 5.92 14.99 9.40
C TRP A 61 5.01 15.31 10.57
N ILE A 62 5.45 14.92 11.77
CA ILE A 62 4.73 15.19 13.00
C ILE A 62 5.63 15.99 13.93
N THR A 63 5.05 16.94 14.66
CA THR A 63 5.78 17.72 15.65
C THR A 63 5.07 17.60 16.98
N GLY A 64 5.82 17.22 18.00
CA GLY A 64 5.25 17.04 19.32
C GLY A 64 4.92 15.59 19.61
N ASP A 65 5.03 15.21 20.87
CA ASP A 65 4.69 13.85 21.28
C ASP A 65 3.18 13.68 21.31
N PHE A 66 2.74 12.43 21.20
CA PHE A 66 1.33 12.12 21.36
C PHE A 66 0.96 12.11 22.85
N GLN A 67 -0.34 12.03 23.11
CA GLN A 67 -0.88 11.85 24.45
C GLN A 67 -1.72 10.59 24.48
N MET A 68 -1.50 9.77 25.50
CA MET A 68 -2.18 8.48 25.63
C MET A 68 -2.64 8.33 27.07
N GLY A 69 -3.96 8.23 27.26
CA GLY A 69 -4.51 8.03 28.58
C GLY A 69 -4.85 9.34 29.27
N GLY A 70 -5.67 9.23 30.30
CA GLY A 70 -6.05 10.40 31.06
C GLY A 70 -6.90 11.35 30.23
N ALA A 71 -6.84 12.63 30.60
CA ALA A 71 -7.67 13.67 29.99
C ALA A 71 -6.85 14.31 28.89
N VAL A 72 -6.88 13.71 27.70
CA VAL A 72 -6.05 14.22 26.61
C VAL A 72 -6.57 15.57 26.17
N LYS A 73 -5.65 16.42 25.74
CA LYS A 73 -5.99 17.78 25.29
C LYS A 73 -5.45 17.93 23.87
N PRO A 74 -6.29 17.78 22.86
CA PRO A 74 -5.80 17.88 21.48
C PRO A 74 -5.06 19.19 21.25
N LEU A 75 -3.96 19.10 20.51
CA LEU A 75 -3.14 20.26 20.24
C LEU A 75 -3.81 21.15 19.20
N ASP A 76 -3.45 22.43 19.24
CA ASP A 76 -3.94 23.40 18.26
C ASP A 76 -2.99 23.37 17.07
N PRO A 77 -3.38 22.82 15.92
CA PRO A 77 -2.42 22.67 14.82
C PRO A 77 -1.96 24.00 14.25
N GLY A 78 -2.65 25.10 14.53
CA GLY A 78 -2.20 26.39 14.06
C GLY A 78 -1.03 26.99 14.81
N THR A 79 -0.55 26.34 15.87
CA THR A 79 0.53 26.90 16.66
C THR A 79 1.93 26.51 16.20
N VAL A 80 2.05 25.55 15.28
CA VAL A 80 3.34 25.17 14.71
C VAL A 80 3.24 25.22 13.20
N GLY A 81 4.14 25.98 12.57
CA GLY A 81 4.08 26.17 11.13
C GLY A 81 4.48 24.93 10.35
N SER A 82 4.17 24.95 9.06
CA SER A 82 4.38 23.82 8.14
C SER A 82 5.20 24.34 6.97
N VAL A 83 6.52 24.25 7.06
CA VAL A 83 7.42 24.85 6.07
C VAL A 83 8.39 23.79 5.57
N VAL A 84 8.61 23.76 4.26
CA VAL A 84 9.68 22.97 3.66
C VAL A 84 10.57 23.90 2.87
N ARG A 85 11.87 23.83 3.12
CA ARG A 85 12.87 24.50 2.31
C ARG A 85 13.58 23.44 1.49
N TYR A 86 13.77 23.69 0.20
CA TYR A 86 14.29 22.64 -0.66
C TYR A 86 15.08 23.23 -1.82
N GLY A 87 15.84 22.37 -2.48
CA GLY A 87 16.65 22.79 -3.61
C GLY A 87 17.41 21.62 -4.20
N LEU A 88 18.22 21.95 -5.20
CA LEU A 88 18.94 20.93 -5.96
C LEU A 88 20.28 20.55 -5.35
N ALA A 89 20.70 21.23 -4.29
CA ALA A 89 21.94 20.89 -3.59
C ALA A 89 21.71 21.04 -2.10
N ALA A 90 22.47 20.29 -1.31
CA ALA A 90 22.23 20.26 0.13
C ALA A 90 22.49 21.61 0.78
N ASP A 91 23.37 22.43 0.19
CA ASP A 91 23.67 23.75 0.74
C ASP A 91 22.98 24.87 -0.02
N SER A 92 21.90 24.56 -0.73
CA SER A 92 21.22 25.53 -1.59
C SER A 92 19.71 25.35 -1.49
N LEU A 93 19.18 25.35 -0.26
CA LEU A 93 17.75 25.15 -0.05
C LEU A 93 17.02 26.48 -0.19
N VAL A 94 16.98 26.97 -1.43
CA VAL A 94 16.52 28.32 -1.70
C VAL A 94 15.05 28.39 -2.08
N ARG A 95 14.39 27.26 -2.26
CA ARG A 95 12.96 27.23 -2.54
C ARG A 95 12.21 27.00 -1.23
N GLU A 96 10.99 27.52 -1.16
CA GLU A 96 10.18 27.41 0.04
C GLU A 96 8.76 27.03 -0.31
N ALA A 97 8.17 26.15 0.51
CA ALA A 97 6.76 25.82 0.37
C ALA A 97 6.15 25.76 1.76
N THR A 98 4.86 26.08 1.84
CA THR A 98 4.14 25.96 3.09
C THR A 98 2.91 25.08 2.87
N GLY A 99 2.42 24.52 3.96
CA GLY A 99 1.28 23.64 3.88
C GLY A 99 0.34 23.82 5.05
N ASP A 100 -0.35 22.76 5.44
CA ASP A 100 -1.27 22.88 6.55
CA ASP A 100 -1.35 22.81 6.48
C ASP A 100 -1.05 21.74 7.53
N ALA A 101 -1.61 21.93 8.71
CA ALA A 101 -1.42 21.01 9.82
C ALA A 101 -2.77 20.59 10.36
N LEU A 102 -2.79 19.42 10.99
CA LEU A 102 -3.99 18.90 11.62
C LEU A 102 -3.58 17.98 12.76
N VAL A 103 -4.55 17.64 13.60
CA VAL A 103 -4.39 16.58 14.58
C VAL A 103 -5.54 15.59 14.39
N TYR A 104 -5.41 14.44 15.01
CA TYR A 104 -6.54 13.54 15.14
C TYR A 104 -6.53 12.94 16.54
N SER A 105 -7.70 12.53 16.98
CA SER A 105 -7.85 11.86 18.26
C SER A 105 -8.47 10.49 18.04
N GLN A 106 -8.29 9.62 19.03
CA GLN A 106 -8.89 8.29 19.04
C GLN A 106 -9.63 8.19 20.38
N LEU A 107 -10.94 8.33 20.34
CA LEU A 107 -11.75 8.50 21.55
C LEU A 107 -12.75 7.37 21.70
N TYR A 108 -12.87 6.85 22.92
CA TYR A 108 -13.80 5.78 23.25
C TYR A 108 -14.61 6.21 24.47
N PRO A 109 -15.93 6.29 24.36
CA PRO A 109 -16.76 6.74 25.49
C PRO A 109 -17.22 5.59 26.39
N PHE A 110 -16.27 4.78 26.85
CA PHE A 110 -16.55 3.63 27.69
C PHE A 110 -15.60 3.62 28.88
N GLU A 111 -16.15 3.39 30.07
CA GLU A 111 -15.33 3.35 31.27
C GLU A 111 -14.26 2.29 31.13
N GLY A 112 -13.04 2.64 31.54
CA GLY A 112 -11.92 1.74 31.45
C GLY A 112 -11.10 1.87 30.17
N LEU A 113 -11.66 2.48 29.13
CA LEU A 113 -10.91 2.67 27.90
C LEU A 113 -10.19 4.02 27.93
N GLN A 114 -9.01 4.05 27.31
CA GLN A 114 -8.16 5.21 27.32
C GLN A 114 -8.21 5.93 25.97
N ASN A 115 -8.10 7.25 26.04
CA ASN A 115 -8.13 8.12 24.87
C ASN A 115 -6.73 8.49 24.42
N TYR A 116 -6.63 8.91 23.16
CA TYR A 116 -5.37 9.26 22.51
C TYR A 116 -5.57 10.53 21.69
N THR A 117 -4.54 11.36 21.64
CA THR A 117 -4.52 12.42 20.63
C THR A 117 -3.09 12.58 20.12
N SER A 118 -2.97 12.96 18.86
CA SER A 118 -1.71 12.90 18.13
C SER A 118 -0.84 14.14 18.38
N GLY A 119 0.41 14.06 17.96
CA GLY A 119 1.18 15.26 17.70
C GLY A 119 0.57 16.02 16.54
N ILE A 120 1.14 17.18 16.24
CA ILE A 120 0.64 17.96 15.11
C ILE A 120 1.21 17.37 13.82
N ILE A 121 0.32 17.01 12.90
CA ILE A 121 0.69 16.41 11.62
C ILE A 121 0.73 17.52 10.57
N HIS A 122 1.78 17.50 9.74
CA HIS A 122 1.99 18.52 8.71
C HIS A 122 2.03 17.85 7.34
N HIS A 123 1.42 18.49 6.34
CA HIS A 123 1.47 18.04 4.95
C HIS A 123 1.79 19.24 4.07
N VAL A 124 2.89 19.17 3.33
CA VAL A 124 3.30 20.27 2.45
C VAL A 124 3.52 19.71 1.06
N ARG A 125 2.89 20.32 0.07
CA ARG A 125 3.07 19.93 -1.32
CA ARG A 125 3.09 19.91 -1.32
C ARG A 125 4.12 20.81 -1.97
N LEU A 126 5.12 20.18 -2.57
CA LEU A 126 6.13 20.89 -3.36
CA LEU A 126 6.12 20.89 -3.35
C LEU A 126 5.69 20.87 -4.82
N GLN A 127 5.61 22.04 -5.43
CA GLN A 127 5.23 22.14 -6.83
CA GLN A 127 5.24 22.13 -6.83
C GLN A 127 6.42 22.61 -7.66
N GLY A 128 6.32 22.38 -8.97
CA GLY A 128 7.34 22.86 -9.88
C GLY A 128 8.66 22.12 -9.77
N LEU A 129 8.61 20.83 -9.51
CA LEU A 129 9.81 20.00 -9.42
C LEU A 129 10.16 19.43 -10.79
N GLU A 130 11.45 19.25 -11.01
CA GLU A 130 11.91 18.54 -12.21
CA GLU A 130 11.89 18.55 -12.21
C GLU A 130 11.72 17.04 -12.02
N PRO A 131 11.23 16.33 -13.04
CA PRO A 131 11.15 14.87 -12.92
C PRO A 131 12.53 14.24 -12.89
N GLY A 132 12.59 13.04 -12.31
CA GLY A 132 13.82 12.26 -12.27
C GLY A 132 14.98 12.94 -11.58
N THR A 133 14.72 13.80 -10.60
CA THR A 133 15.73 14.69 -10.07
C THR A 133 15.77 14.61 -8.55
N LYS A 134 16.98 14.64 -7.99
CA LYS A 134 17.16 14.59 -6.55
CA LYS A 134 17.15 14.59 -6.55
C LYS A 134 16.96 15.97 -5.94
N TYR A 135 16.07 16.06 -4.96
CA TYR A 135 15.81 17.29 -4.21
C TYR A 135 16.21 17.09 -2.76
N TYR A 136 16.96 18.05 -2.23
CA TYR A 136 17.29 18.14 -0.82
C TYR A 136 16.26 19.02 -0.12
N TYR A 137 15.96 18.70 1.13
CA TYR A 137 14.91 19.43 1.81
C TYR A 137 15.09 19.38 3.32
N GLN A 138 14.57 20.42 3.98
CA GLN A 138 14.40 20.49 5.41
C GLN A 138 12.96 20.86 5.68
N CYS A 139 12.38 20.31 6.74
CA CYS A 139 11.01 20.63 7.08
C CYS A 139 10.94 21.09 8.53
N GLY A 140 9.85 21.79 8.84
CA GLY A 140 9.61 22.22 10.21
C GLY A 140 9.05 23.62 10.31
N ASP A 141 9.35 24.31 11.40
CA ASP A 141 8.91 25.67 11.62
C ASP A 141 10.13 26.55 11.87
N PRO A 142 10.54 27.37 10.90
CA PRO A 142 11.78 28.15 11.06
C PRO A 142 11.71 29.19 12.17
N SER A 143 10.52 29.52 12.67
CA SER A 143 10.40 30.53 13.70
C SER A 143 10.59 29.99 15.11
N ILE A 144 10.69 28.67 15.26
CA ILE A 144 10.91 28.02 16.56
C ILE A 144 12.34 27.51 16.59
N PRO A 145 13.18 27.95 17.52
CA PRO A 145 14.55 27.46 17.58
C PRO A 145 14.61 25.94 17.70
N GLY A 146 15.47 25.33 16.88
CA GLY A 146 15.64 23.88 16.88
C GLY A 146 14.52 23.08 16.27
N ALA A 147 13.53 23.73 15.66
CA ALA A 147 12.35 23.03 15.13
C ALA A 147 12.45 22.77 13.64
N MET A 148 13.65 22.77 13.06
CA MET A 148 13.84 22.35 11.68
C MET A 148 14.55 21.00 11.65
N SER A 149 14.17 20.16 10.69
CA SER A 149 14.77 18.85 10.55
C SER A 149 16.20 18.95 10.00
N ALA A 150 16.93 17.83 10.09
CA ALA A 150 18.14 17.71 9.31
C ALA A 150 17.79 17.73 7.83
N VAL A 151 18.82 17.92 6.99
CA VAL A 151 18.62 17.90 5.55
C VAL A 151 18.43 16.45 5.11
N HIS A 152 17.34 16.19 4.39
CA HIS A 152 17.05 14.92 3.78
C HIS A 152 17.03 15.09 2.25
N ALA A 153 16.79 14.00 1.54
CA ALA A 153 16.73 14.08 0.08
C ALA A 153 15.86 12.95 -0.45
N PHE A 154 15.21 13.22 -1.58
CA PHE A 154 14.46 12.21 -2.31
C PHE A 154 14.56 12.53 -3.80
N ARG A 155 14.20 11.56 -4.63
CA ARG A 155 14.24 11.75 -6.08
CA ARG A 155 14.25 11.73 -6.09
C ARG A 155 12.83 11.63 -6.65
N THR A 156 12.47 12.63 -7.47
CA THR A 156 11.17 12.59 -8.12
C THR A 156 11.09 11.44 -9.13
N MET A 157 9.85 11.01 -9.41
CA MET A 157 9.63 10.03 -10.46
C MET A 157 10.11 10.58 -11.80
N PRO A 158 10.51 9.70 -12.73
CA PRO A 158 10.89 10.17 -14.07
C PRO A 158 9.70 10.69 -14.84
N ALA A 159 10.01 11.44 -15.91
CA ALA A 159 8.98 12.07 -16.70
C ALA A 159 8.06 11.04 -17.33
N VAL A 160 6.81 11.44 -17.54
CA VAL A 160 5.79 10.52 -18.07
C VAL A 160 6.02 10.28 -19.56
N GLY A 161 6.22 9.02 -19.92
CA GLY A 161 6.40 8.64 -21.30
C GLY A 161 6.61 7.15 -21.42
N PRO A 162 6.47 6.62 -22.64
CA PRO A 162 6.39 5.16 -22.81
C PRO A 162 7.71 4.43 -22.64
N ARG A 163 8.84 5.14 -22.59
CA ARG A 163 10.13 4.50 -22.36
C ARG A 163 10.82 5.04 -21.11
N SER A 164 10.06 5.69 -20.23
CA SER A 164 10.58 6.37 -19.04
C SER A 164 9.95 5.73 -17.82
N TYR A 165 10.74 5.01 -17.02
CA TYR A 165 10.21 4.28 -15.88
C TYR A 165 11.10 4.40 -14.66
N PRO A 166 10.52 4.41 -13.46
CA PRO A 166 11.36 4.24 -12.26
C PRO A 166 12.03 2.89 -12.31
N GLY A 167 13.28 2.84 -11.83
CA GLY A 167 14.04 1.60 -11.92
C GLY A 167 13.36 0.45 -11.18
N ARG A 168 12.95 0.69 -9.94
CA ARG A 168 12.40 -0.35 -9.08
C ARG A 168 11.26 0.21 -8.25
N ILE A 169 10.16 -0.53 -8.22
CA ILE A 169 9.01 -0.19 -7.39
C ILE A 169 8.82 -1.33 -6.42
N ALA A 170 8.92 -1.04 -5.12
CA ALA A 170 8.70 -2.06 -4.10
C ALA A 170 7.22 -2.13 -3.78
N VAL A 171 6.73 -3.35 -3.53
CA VAL A 171 5.33 -3.58 -3.23
C VAL A 171 5.27 -4.46 -1.99
N VAL A 172 4.56 -3.97 -0.96
CA VAL A 172 4.42 -4.66 0.31
C VAL A 172 2.99 -4.45 0.80
N GLY A 173 2.57 -5.32 1.72
CA GLY A 173 1.29 -5.14 2.39
C GLY A 173 1.31 -5.81 3.74
N ASP A 174 0.47 -5.30 4.64
CA ASP A 174 0.25 -5.95 5.94
C ASP A 174 1.55 -6.03 6.74
N LEU A 175 2.26 -4.90 6.80
CA LEU A 175 3.55 -4.86 7.47
C LEU A 175 3.43 -5.09 8.98
N GLY A 176 2.52 -4.37 9.64
CA GLY A 176 2.59 -4.40 11.09
C GLY A 176 3.92 -3.84 11.57
N LEU A 177 4.31 -4.25 12.78
CA LEU A 177 5.57 -3.74 13.33
C LEU A 177 6.17 -4.82 14.23
N THR A 178 6.65 -5.88 13.61
CA THR A 178 7.31 -7.01 14.27
C THR A 178 8.78 -7.05 13.85
N TYR A 179 9.54 -7.96 14.47
CA TYR A 179 10.88 -8.21 13.96
C TYR A 179 10.85 -8.73 12.53
N ASN A 180 9.83 -9.50 12.15
CA ASN A 180 9.72 -9.94 10.76
C ASN A 180 9.44 -8.76 9.84
N THR A 181 8.68 -7.76 10.30
CA THR A 181 8.54 -6.52 9.52
C THR A 181 9.90 -5.89 9.26
N THR A 182 10.78 -5.87 10.26
CA THR A 182 12.07 -5.25 10.03
C THR A 182 12.86 -6.01 8.97
N SER A 183 12.69 -7.34 8.90
CA SER A 183 13.32 -8.11 7.84
CA SER A 183 13.34 -8.09 7.84
C SER A 183 12.76 -7.72 6.48
N THR A 184 11.43 -7.59 6.38
CA THR A 184 10.83 -7.20 5.11
C THR A 184 11.37 -5.85 4.66
N VAL A 185 11.38 -4.88 5.58
CA VAL A 185 11.76 -3.51 5.22
C VAL A 185 13.26 -3.44 4.91
N GLU A 186 14.07 -4.19 5.66
CA GLU A 186 15.51 -4.24 5.35
C GLU A 186 15.76 -4.85 3.98
N HIS A 187 15.08 -5.96 3.67
CA HIS A 187 15.20 -6.55 2.33
C HIS A 187 14.81 -5.54 1.26
N MET A 188 13.68 -4.89 1.47
CA MET A 188 13.19 -3.89 0.53
C MET A 188 14.21 -2.76 0.35
N ALA A 189 14.68 -2.20 1.47
CA ALA A 189 15.60 -1.06 1.38
C ALA A 189 16.89 -1.46 0.68
N SER A 190 17.37 -2.69 0.89
CA SER A 190 18.60 -3.12 0.24
CA SER A 190 18.60 -3.13 0.25
CA SER A 190 18.59 -3.15 0.25
C SER A 190 18.45 -3.21 -1.27
N ASN A 191 17.22 -3.36 -1.78
CA ASN A 191 16.97 -3.36 -3.21
C ASN A 191 16.84 -1.95 -3.78
N GLN A 192 16.99 -0.93 -2.94
CA GLN A 192 17.03 0.46 -3.37
C GLN A 192 15.86 0.83 -4.29
N PRO A 193 14.62 0.64 -3.85
CA PRO A 193 13.47 1.03 -4.69
C PRO A 193 13.35 2.54 -4.83
N ASP A 194 12.81 2.96 -5.97
CA ASP A 194 12.52 4.37 -6.19
C ASP A 194 11.18 4.78 -5.59
N LEU A 195 10.34 3.81 -5.28
CA LEU A 195 8.96 4.03 -4.89
C LEU A 195 8.51 2.84 -4.08
N VAL A 196 7.73 3.07 -3.02
CA VAL A 196 7.15 1.99 -2.22
C VAL A 196 5.63 2.09 -2.30
N LEU A 197 4.98 0.98 -2.61
CA LEU A 197 3.53 0.86 -2.50
C LEU A 197 3.19 -0.02 -1.31
N LEU A 198 2.34 0.49 -0.41
CA LEU A 198 1.92 -0.20 0.81
C LEU A 198 0.42 -0.47 0.69
N LEU A 199 0.07 -1.73 0.49
CA LEU A 199 -1.29 -2.10 0.08
CA LEU A 199 -1.28 -2.15 0.09
C LEU A 199 -2.20 -2.40 1.28
N GLY A 200 -2.15 -1.53 2.28
CA GLY A 200 -3.05 -1.60 3.40
C GLY A 200 -2.54 -2.45 4.55
N ASP A 201 -3.20 -2.28 5.70
CA ASP A 201 -2.85 -2.93 6.96
C ASP A 201 -1.46 -2.53 7.42
N VAL A 202 -1.38 -1.34 8.01
CA VAL A 202 -0.11 -0.65 8.23
C VAL A 202 0.51 -1.02 9.58
N SER A 203 -0.08 -0.54 10.68
CA SER A 203 0.55 -0.65 11.99
C SER A 203 -0.03 -1.76 12.86
N TYR A 204 -1.23 -2.24 12.55
CA TYR A 204 -1.91 -3.24 13.39
C TYR A 204 -2.06 -2.74 14.82
N ALA A 205 -2.34 -1.46 14.97
CA ALA A 205 -2.65 -0.90 16.28
C ALA A 205 -3.89 -1.55 16.87
N ASN A 206 -4.77 -2.12 16.05
CA ASN A 206 -6.00 -2.70 16.55
C ASN A 206 -5.83 -4.14 17.01
N LEU A 207 -4.61 -4.64 17.10
CA LEU A 207 -4.32 -5.87 17.83
C LEU A 207 -4.03 -5.59 19.30
N TYR A 208 -4.20 -4.35 19.75
CA TYR A 208 -3.99 -3.96 21.14
C TYR A 208 -5.27 -3.37 21.71
N LEU A 209 -5.46 -3.56 23.01
CA LEU A 209 -6.45 -2.78 23.73
C LEU A 209 -5.93 -1.38 23.99
N THR A 210 -6.84 -0.46 24.33
CA THR A 210 -6.39 0.91 24.58
C THR A 210 -5.42 0.99 25.74
N ASN A 211 -5.43 0.01 26.64
CA ASN A 211 -4.52 0.06 27.77
C ASN A 211 -3.16 -0.55 27.45
N GLY A 212 -2.89 -0.84 26.17
CA GLY A 212 -1.58 -1.31 25.77
C GLY A 212 -1.42 -2.81 25.76
N THR A 213 -2.39 -3.55 26.27
CA THR A 213 -2.30 -5.00 26.25
C THR A 213 -2.56 -5.54 24.85
N GLY A 214 -1.68 -6.40 24.37
CA GLY A 214 -1.81 -6.94 23.03
C GLY A 214 -2.71 -8.16 22.97
N THR A 215 -3.90 -7.99 22.39
CA THR A 215 -4.90 -9.06 22.27
C THR A 215 -4.27 -10.42 22.01
N ILE A 228 -15.62 -1.55 22.60
CA ILE A 228 -15.97 -2.48 21.53
C ILE A 228 -14.70 -2.91 20.79
N ALA A 229 -14.58 -2.49 19.54
CA ALA A 229 -13.30 -2.59 18.86
C ALA A 229 -12.34 -1.56 19.44
N GLU A 230 -11.09 -1.95 19.67
CA GLU A 230 -10.14 -1.07 20.34
C GLU A 230 -8.85 -0.99 19.53
N THR A 231 -8.08 0.08 19.81
CA THR A 231 -6.75 0.27 19.24
C THR A 231 -5.83 0.85 20.31
N TYR A 232 -4.53 0.70 20.07
CA TYR A 232 -3.49 1.37 20.85
C TYR A 232 -2.73 2.24 19.86
N GLN A 233 -3.19 3.49 19.72
CA GLN A 233 -2.69 4.35 18.65
C GLN A 233 -1.19 4.59 18.67
N PRO A 234 -0.49 4.57 19.80
CA PRO A 234 0.97 4.76 19.75
C PRO A 234 1.68 3.79 18.82
N ARG A 235 1.11 2.62 18.51
CA ARG A 235 1.77 1.75 17.54
C ARG A 235 1.94 2.44 16.19
N TRP A 236 1.01 3.34 15.82
CA TRP A 236 1.19 4.13 14.59
C TRP A 236 2.42 5.02 14.68
N ASP A 237 2.63 5.67 15.83
CA ASP A 237 3.79 6.53 16.01
C ASP A 237 5.08 5.72 16.01
N TYR A 238 5.08 4.56 16.67
CA TYR A 238 6.23 3.67 16.62
C TYR A 238 6.52 3.26 15.18
N TRP A 239 5.47 2.94 14.43
CA TRP A 239 5.64 2.56 13.03
C TRP A 239 6.22 3.71 12.22
N GLY A 240 5.65 4.91 12.36
CA GLY A 240 6.16 6.05 11.62
C GLY A 240 7.60 6.37 11.97
N ARG A 241 7.96 6.23 13.25
CA ARG A 241 9.34 6.48 13.64
C ARG A 241 10.28 5.43 13.09
N TYR A 242 9.87 4.15 13.16
CA TYR A 242 10.69 3.08 12.62
C TYR A 242 10.92 3.25 11.12
N MET A 243 9.87 3.63 10.39
CA MET A 243 9.94 3.72 8.94
C MET A 243 10.63 4.97 8.42
N GLU A 244 10.90 5.96 9.27
CA GLU A 244 11.39 7.24 8.77
CA GLU A 244 11.40 7.24 8.79
C GLU A 244 12.64 7.13 7.92
N PRO A 245 13.63 6.29 8.23
CA PRO A 245 14.80 6.18 7.34
C PRO A 245 14.42 5.84 5.91
N VAL A 246 13.36 5.07 5.72
CA VAL A 246 12.87 4.78 4.38
C VAL A 246 12.00 5.92 3.85
N THR A 247 10.98 6.31 4.61
CA THR A 247 9.97 7.23 4.07
C THR A 247 10.52 8.64 3.85
N SER A 248 11.54 9.04 4.60
CA SER A 248 12.11 10.37 4.38
C SER A 248 12.98 10.45 3.13
N SER A 249 13.35 9.32 2.55
CA SER A 249 14.22 9.25 1.38
CA SER A 249 14.19 9.31 1.36
C SER A 249 13.55 8.63 0.16
N THR A 250 12.43 7.95 0.33
CA THR A 250 11.77 7.15 -0.70
C THR A 250 10.28 7.43 -0.65
N PRO A 251 9.68 7.94 -1.73
CA PRO A 251 8.22 8.15 -1.72
C PRO A 251 7.48 6.84 -1.46
N MET A 252 6.44 6.95 -0.63
CA MET A 252 5.63 5.80 -0.22
C MET A 252 4.15 6.13 -0.41
N MET A 253 3.45 5.31 -1.19
CA MET A 253 2.02 5.47 -1.46
C MET A 253 1.26 4.40 -0.68
N VAL A 254 0.34 4.81 0.18
CA VAL A 254 -0.43 3.91 1.03
C VAL A 254 -1.88 3.92 0.56
N VAL A 255 -2.53 2.74 0.61
CA VAL A 255 -3.98 2.63 0.45
C VAL A 255 -4.50 1.83 1.63
N GLU A 256 -5.77 2.07 1.97
CA GLU A 256 -6.29 1.55 3.24
C GLU A 256 -6.61 0.06 3.17
N GLY A 257 -6.39 -0.62 4.30
CA GLY A 257 -6.87 -1.97 4.51
C GLY A 257 -7.88 -2.02 5.65
N ASN A 258 -8.33 -3.23 5.97
CA ASN A 258 -9.36 -3.34 6.99
C ASN A 258 -8.85 -3.01 8.38
N HIS A 259 -7.53 -3.14 8.63
CA HIS A 259 -7.03 -2.78 9.95
C HIS A 259 -6.97 -1.28 10.15
N GLU A 260 -7.22 -0.49 9.11
CA GLU A 260 -7.27 0.97 9.27
C GLU A 260 -8.67 1.47 9.63
N ILE A 261 -9.68 0.61 9.67
CA ILE A 261 -11.04 1.07 9.97
C ILE A 261 -11.09 1.73 11.34
N GLU A 262 -10.62 1.04 12.38
CA GLU A 262 -10.40 1.63 13.71
C GLU A 262 -11.60 2.46 14.17
N GLN A 263 -12.77 1.84 14.16
CA GLN A 263 -14.00 2.56 14.50
C GLN A 263 -13.94 3.09 15.93
N GLN A 264 -14.40 4.32 16.11
CA GLN A 264 -14.30 4.98 17.42
C GLN A 264 -15.59 5.78 17.68
N ILE A 265 -15.48 6.79 18.53
CA ILE A 265 -16.66 7.56 18.93
C ILE A 265 -17.39 8.08 17.70
N GLY A 266 -18.73 8.09 17.78
CA GLY A 266 -19.57 8.59 16.71
C GLY A 266 -19.47 7.83 15.41
N ASN A 267 -19.01 6.58 15.45
CA ASN A 267 -18.84 5.76 14.26
C ASN A 267 -17.73 6.27 13.36
N LYS A 268 -16.88 7.16 13.85
CA LYS A 268 -15.79 7.65 13.02
C LYS A 268 -14.82 6.52 12.71
N THR A 269 -14.34 6.49 11.48
CA THR A 269 -13.44 5.45 11.01
C THR A 269 -12.26 6.07 10.27
N PHE A 270 -11.17 5.31 10.18
CA PHE A 270 -10.01 5.66 9.36
C PHE A 270 -9.35 6.98 9.77
N ALA A 271 -9.49 7.38 11.04
CA ALA A 271 -8.96 8.68 11.45
C ALA A 271 -7.44 8.74 11.31
N ALA A 272 -6.74 7.72 11.81
CA ALA A 272 -5.27 7.70 11.77
C ALA A 272 -4.77 7.64 10.32
N TYR A 273 -5.33 6.71 9.54
CA TYR A 273 -4.91 6.56 8.14
C TYR A 273 -5.11 7.86 7.37
N SER A 274 -6.28 8.48 7.54
CA SER A 274 -6.63 9.67 6.74
C SER A 274 -5.80 10.88 7.12
N ALA A 275 -5.39 10.98 8.38
CA ALA A 275 -4.62 12.11 8.85
C ALA A 275 -3.12 11.97 8.62
N ARG A 276 -2.58 10.75 8.72
CA ARG A 276 -1.13 10.59 8.85
C ARG A 276 -0.42 10.67 7.50
N PHE A 277 -1.03 10.14 6.44
CA PHE A 277 -0.36 10.05 5.16
C PHE A 277 -0.84 11.16 4.23
N ALA A 278 0.02 11.52 3.28
CA ALA A 278 -0.40 12.39 2.19
C ALA A 278 -0.84 11.54 1.01
N PHE A 279 -1.94 11.94 0.39
CA PHE A 279 -2.47 11.28 -0.80
C PHE A 279 -2.74 12.33 -1.86
N PRO A 280 -2.55 12.00 -3.14
CA PRO A 280 -2.88 12.94 -4.22
C PRO A 280 -4.37 12.97 -4.53
N SER A 281 -5.18 13.09 -3.47
CA SER A 281 -6.64 13.05 -3.62
CA SER A 281 -6.64 13.03 -3.63
C SER A 281 -7.17 14.23 -4.42
N MET A 282 -6.65 15.43 -4.14
CA MET A 282 -7.10 16.61 -4.87
CA MET A 282 -7.12 16.59 -4.88
C MET A 282 -6.58 16.58 -6.30
N GLU A 283 -5.28 16.30 -6.46
CA GLU A 283 -4.64 16.34 -7.78
C GLU A 283 -5.23 15.32 -8.74
N SER A 284 -5.57 14.12 -8.24
CA SER A 284 -6.19 13.11 -9.10
C SER A 284 -7.71 13.20 -9.08
N GLU A 285 -8.27 14.18 -8.38
CA GLU A 285 -9.71 14.47 -8.37
C GLU A 285 -10.56 13.33 -7.80
N SER A 286 -9.98 12.48 -6.95
CA SER A 286 -10.80 11.55 -6.20
C SER A 286 -11.44 12.23 -5.01
N PHE A 287 -10.76 13.21 -4.43
CA PHE A 287 -11.21 13.91 -3.23
C PHE A 287 -11.55 12.93 -2.12
N SER A 288 -10.79 11.83 -2.09
CA SER A 288 -10.92 10.80 -1.07
C SER A 288 -9.54 10.33 -0.69
N PRO A 289 -9.28 10.07 0.60
CA PRO A 289 -8.02 9.42 0.98
C PRO A 289 -8.02 7.92 0.66
N PHE A 290 -9.16 7.35 0.28
CA PHE A 290 -9.29 5.90 0.20
C PHE A 290 -8.97 5.35 -1.17
N TYR A 291 -8.94 6.19 -2.19
CA TYR A 291 -8.64 5.80 -3.56
C TYR A 291 -8.17 7.05 -4.29
N TYR A 292 -7.28 6.86 -5.26
CA TYR A 292 -6.66 7.98 -5.96
C TYR A 292 -5.83 7.39 -7.10
N SER A 293 -5.24 8.26 -7.92
CA SER A 293 -4.36 7.80 -9.00
C SER A 293 -3.14 8.72 -9.10
N PHE A 294 -2.10 8.23 -9.78
CA PHE A 294 -0.88 9.00 -10.01
C PHE A 294 -0.11 8.34 -11.12
N ASP A 295 0.77 9.12 -11.76
CA ASP A 295 1.66 8.64 -12.80
C ASP A 295 3.10 8.59 -12.28
N ALA A 296 3.80 7.51 -12.57
CA ALA A 296 5.24 7.40 -12.27
C ALA A 296 5.90 6.94 -13.55
N GLY A 297 6.59 7.86 -14.23
CA GLY A 297 7.02 7.56 -15.58
C GLY A 297 5.82 7.15 -16.40
N GLY A 298 6.02 6.15 -17.27
CA GLY A 298 4.96 5.67 -18.13
C GLY A 298 3.98 4.69 -17.49
N ILE A 299 3.81 4.74 -16.17
CA ILE A 299 2.86 3.89 -15.46
C ILE A 299 1.77 4.78 -14.87
N HIS A 300 0.52 4.47 -15.19
CA HIS A 300 -0.63 5.06 -14.51
C HIS A 300 -1.06 4.10 -13.42
N PHE A 301 -0.91 4.52 -12.16
CA PHE A 301 -1.29 3.72 -11.00
C PHE A 301 -2.65 4.16 -10.51
N ILE A 302 -3.51 3.18 -10.21
CA ILE A 302 -4.80 3.44 -9.58
CA ILE A 302 -4.80 3.44 -9.58
C ILE A 302 -4.81 2.69 -8.26
N MET A 303 -4.98 3.41 -7.16
CA MET A 303 -5.15 2.81 -5.85
CA MET A 303 -5.16 2.83 -5.84
C MET A 303 -6.65 2.83 -5.52
N LEU A 304 -7.22 1.64 -5.36
CA LEU A 304 -8.66 1.51 -5.15
C LEU A 304 -8.97 1.13 -3.71
N ALA A 305 -10.23 1.38 -3.32
CA ALA A 305 -10.70 1.20 -1.96
C ALA A 305 -11.57 -0.05 -1.86
N ALA A 306 -11.04 -1.09 -1.21
CA ALA A 306 -11.88 -2.23 -0.88
C ALA A 306 -12.80 -1.95 0.30
N TYR A 307 -12.63 -0.81 0.98
CA TYR A 307 -13.40 -0.49 2.18
C TYR A 307 -14.11 0.86 2.05
N ALA A 308 -14.28 1.35 0.82
CA ALA A 308 -15.24 2.40 0.51
C ALA A 308 -16.13 1.90 -0.61
N ASP A 309 -17.38 2.36 -0.60
CA ASP A 309 -18.37 1.92 -1.59
C ASP A 309 -17.77 1.78 -2.97
N TYR A 310 -17.73 0.55 -3.48
CA TYR A 310 -17.20 0.26 -4.81
C TYR A 310 -18.28 -0.14 -5.80
N SER A 311 -19.54 0.01 -5.43
CA SER A 311 -20.64 -0.40 -6.28
C SER A 311 -20.70 0.47 -7.54
N LYS A 312 -21.35 -0.06 -8.58
CA LYS A 312 -21.40 0.63 -9.86
C LYS A 312 -22.13 1.96 -9.78
N SER A 313 -22.98 2.17 -8.78
CA SER A 313 -23.70 3.43 -8.65
C SER A 313 -23.04 4.42 -7.70
N GLY A 314 -21.87 4.09 -7.16
CA GLY A 314 -21.23 4.90 -6.14
C GLY A 314 -20.20 5.87 -6.70
N GLU A 315 -19.69 6.72 -5.79
CA GLU A 315 -18.76 7.76 -6.18
C GLU A 315 -17.42 7.20 -6.65
N GLN A 316 -16.90 6.17 -5.96
CA GLN A 316 -15.60 5.63 -6.37
C GLN A 316 -15.65 5.08 -7.78
N TYR A 317 -16.72 4.37 -8.13
CA TYR A 317 -16.86 3.82 -9.47
C TYR A 317 -16.96 4.93 -10.51
N ARG A 318 -17.75 5.97 -10.22
CA ARG A 318 -17.84 7.12 -11.14
C ARG A 318 -16.48 7.76 -11.33
N TRP A 319 -15.72 7.96 -10.24
CA TRP A 319 -14.38 8.50 -10.37
C TRP A 319 -13.50 7.59 -11.21
N LEU A 320 -13.58 6.28 -10.99
CA LEU A 320 -12.73 5.34 -11.70
C LEU A 320 -13.02 5.37 -13.21
N GLU A 321 -14.30 5.42 -13.58
CA GLU A 321 -14.65 5.54 -14.99
C GLU A 321 -14.02 6.78 -15.61
N LYS A 322 -14.09 7.92 -14.91
CA LYS A 322 -13.50 9.15 -15.40
C LYS A 322 -11.98 9.04 -15.48
N ASP A 323 -11.37 8.46 -14.45
CA ASP A 323 -9.91 8.34 -14.42
C ASP A 323 -9.43 7.47 -15.58
N LEU A 324 -10.09 6.35 -15.82
CA LEU A 324 -9.67 5.44 -16.89
C LEU A 324 -9.83 6.10 -18.26
N ALA A 325 -10.92 6.86 -18.45
CA ALA A 325 -11.16 7.48 -19.74
C ALA A 325 -10.10 8.50 -20.11
N LYS A 326 -9.37 9.04 -19.13
CA LYS A 326 -8.32 10.02 -19.37
C LYS A 326 -6.97 9.39 -19.68
N VAL A 327 -6.81 8.10 -19.46
CA VAL A 327 -5.51 7.45 -19.65
C VAL A 327 -5.22 7.28 -21.13
N ASP A 328 -4.07 7.77 -21.56
CA ASP A 328 -3.59 7.64 -22.94
C ASP A 328 -2.49 6.58 -22.91
N ARG A 329 -2.77 5.41 -23.49
CA ARG A 329 -1.82 4.30 -23.38
C ARG A 329 -0.62 4.44 -24.31
N SER A 330 -0.55 5.51 -25.12
CA SER A 330 0.70 5.84 -25.79
CA SER A 330 0.69 5.85 -25.79
C SER A 330 1.61 6.69 -24.93
N VAL A 331 1.08 7.32 -23.89
CA VAL A 331 1.83 8.14 -22.96
C VAL A 331 2.22 7.36 -21.71
N THR A 332 1.23 6.73 -21.07
CA THR A 332 1.46 5.76 -19.98
C THR A 332 1.03 4.39 -20.49
N PRO A 333 1.94 3.61 -21.08
CA PRO A 333 1.55 2.28 -21.57
C PRO A 333 1.07 1.35 -20.46
N TRP A 334 1.62 1.46 -19.26
CA TRP A 334 1.30 0.54 -18.18
C TRP A 334 0.16 1.09 -17.33
N LEU A 335 -0.82 0.23 -17.05
CA LEU A 335 -1.94 0.54 -16.18
C LEU A 335 -1.92 -0.49 -15.06
N VAL A 336 -1.65 -0.04 -13.85
CA VAL A 336 -1.43 -0.91 -12.70
C VAL A 336 -2.32 -0.44 -11.58
N ALA A 337 -2.95 -1.39 -10.89
CA ALA A 337 -3.83 -1.05 -9.79
C ALA A 337 -3.36 -1.73 -8.51
N GLY A 338 -3.67 -1.08 -7.40
CA GLY A 338 -3.46 -1.66 -6.10
C GLY A 338 -4.69 -1.46 -5.23
N TRP A 339 -5.03 -2.47 -4.45
CA TRP A 339 -6.05 -2.34 -3.43
C TRP A 339 -5.81 -3.43 -2.39
N HIS A 340 -6.55 -3.39 -1.29
CA HIS A 340 -6.16 -4.24 -0.17
C HIS A 340 -6.49 -5.72 -0.39
N ALA A 341 -7.74 -6.04 -0.77
CA ALA A 341 -8.24 -7.43 -0.70
C ALA A 341 -8.11 -8.13 -2.04
N PRO A 342 -7.44 -9.28 -2.13
CA PRO A 342 -7.29 -9.96 -3.42
C PRO A 342 -8.59 -10.52 -3.95
N TRP A 343 -8.67 -10.55 -5.28
CA TRP A 343 -9.81 -11.14 -5.97
C TRP A 343 -9.60 -12.60 -6.34
N TYR A 344 -8.34 -13.08 -6.44
CA TYR A 344 -8.06 -14.42 -6.94
C TYR A 344 -7.12 -15.21 -6.02
N SER A 345 -7.08 -14.88 -4.73
CA SER A 345 -6.30 -15.66 -3.79
CA SER A 345 -6.29 -15.68 -3.80
C SER A 345 -6.92 -17.04 -3.61
N THR A 346 -6.08 -18.06 -3.46
CA THR A 346 -6.59 -19.42 -3.30
C THR A 346 -6.37 -19.97 -1.89
N TYR A 347 -5.85 -19.16 -0.98
CA TYR A 347 -5.77 -19.53 0.42
C TYR A 347 -7.17 -19.59 1.04
N LYS A 348 -7.29 -20.38 2.11
CA LYS A 348 -8.55 -20.40 2.84
C LYS A 348 -8.84 -19.03 3.48
N ALA A 349 -7.83 -18.40 4.07
CA ALA A 349 -8.01 -17.09 4.66
C ALA A 349 -8.52 -16.09 3.63
N HIS A 350 -9.69 -15.50 3.90
CA HIS A 350 -10.27 -14.45 3.06
C HIS A 350 -10.61 -14.96 1.66
N TYR A 351 -10.82 -16.27 1.53
CA TYR A 351 -11.18 -16.86 0.25
C TYR A 351 -12.48 -16.22 -0.26
N ARG A 352 -12.40 -15.63 -1.46
CA ARG A 352 -13.52 -15.01 -2.17
C ARG A 352 -14.19 -13.91 -1.34
N GLU A 353 -13.46 -13.35 -0.38
CA GLU A 353 -14.07 -12.40 0.56
C GLU A 353 -14.46 -11.10 -0.12
N ALA A 354 -13.70 -10.68 -1.14
CA ALA A 354 -13.97 -9.44 -1.85
C ALA A 354 -14.66 -9.69 -3.19
N GLU A 355 -15.41 -10.79 -3.29
CA GLU A 355 -16.08 -11.13 -4.54
CA GLU A 355 -16.08 -11.13 -4.54
C GLU A 355 -16.99 -10.01 -5.02
N CYS A 356 -17.67 -9.32 -4.11
CA CYS A 356 -18.56 -8.25 -4.55
C CYS A 356 -17.81 -7.10 -5.21
N MET A 357 -16.58 -6.84 -4.76
CA MET A 357 -15.78 -5.82 -5.41
C MET A 357 -15.35 -6.26 -6.81
N ARG A 358 -14.95 -7.53 -6.95
CA ARG A 358 -14.63 -8.07 -8.27
C ARG A 358 -15.81 -7.94 -9.21
N VAL A 359 -16.99 -8.37 -8.76
CA VAL A 359 -18.17 -8.33 -9.62
C VAL A 359 -18.47 -6.88 -10.01
N ALA A 360 -18.26 -5.94 -9.09
CA ALA A 360 -18.55 -4.54 -9.41
C ALA A 360 -17.58 -3.97 -10.45
N MET A 361 -16.27 -4.23 -10.30
CA MET A 361 -15.27 -3.45 -11.01
C MET A 361 -14.45 -4.19 -12.04
N GLU A 362 -14.48 -5.53 -12.05
CA GLU A 362 -13.54 -6.25 -12.88
C GLU A 362 -13.77 -6.00 -14.37
N GLU A 363 -15.03 -5.99 -14.80
CA GLU A 363 -15.30 -5.81 -16.22
C GLU A 363 -14.85 -4.43 -16.70
N LEU A 364 -15.06 -3.40 -15.89
CA LEU A 364 -14.60 -2.06 -16.26
C LEU A 364 -13.08 -2.05 -16.43
N LEU A 365 -12.36 -2.64 -15.48
CA LEU A 365 -10.89 -2.64 -15.55
C LEU A 365 -10.40 -3.46 -16.74
N TYR A 366 -11.03 -4.62 -17.01
CA TYR A 366 -10.67 -5.42 -18.16
C TYR A 366 -10.90 -4.67 -19.47
N SER A 367 -12.02 -3.94 -19.56
CA SER A 367 -12.32 -3.22 -20.78
CA SER A 367 -12.33 -3.21 -20.78
C SER A 367 -11.30 -2.13 -21.07
N TYR A 368 -10.59 -1.66 -20.05
CA TYR A 368 -9.56 -0.65 -20.21
C TYR A 368 -8.15 -1.24 -20.21
N GLY A 369 -8.02 -2.56 -20.28
CA GLY A 369 -6.71 -3.18 -20.40
C GLY A 369 -5.81 -3.04 -19.18
N LEU A 370 -6.36 -3.21 -17.99
CA LEU A 370 -5.54 -3.25 -16.78
C LEU A 370 -4.48 -4.34 -16.91
N ASP A 371 -3.22 -3.99 -16.63
CA ASP A 371 -2.11 -4.92 -16.84
C ASP A 371 -1.83 -5.80 -15.63
N ILE A 372 -1.73 -5.19 -14.44
CA ILE A 372 -1.30 -5.86 -13.22
C ILE A 372 -2.12 -5.31 -12.05
N VAL A 373 -2.46 -6.18 -11.11
CA VAL A 373 -3.11 -5.83 -9.86
C VAL A 373 -2.20 -6.28 -8.71
N PHE A 374 -1.96 -5.39 -7.73
CA PHE A 374 -1.26 -5.77 -6.50
C PHE A 374 -2.22 -5.62 -5.33
N THR A 375 -2.21 -6.61 -4.43
CA THR A 375 -3.03 -6.56 -3.23
C THR A 375 -2.23 -7.05 -2.03
N GLY A 376 -2.86 -6.95 -0.85
CA GLY A 376 -2.32 -7.49 0.39
C GLY A 376 -3.30 -8.45 1.05
N HIS A 377 -3.54 -8.28 2.36
CA HIS A 377 -4.66 -8.88 3.10
C HIS A 377 -4.44 -10.35 3.45
N VAL A 378 -4.10 -11.18 2.47
CA VAL A 378 -3.79 -12.58 2.71
C VAL A 378 -2.32 -12.70 3.11
N HIS A 379 -2.04 -13.33 4.26
CA HIS A 379 -0.68 -13.34 4.82
C HIS A 379 0.12 -14.48 4.22
N ALA A 380 0.48 -14.29 2.95
CA ALA A 380 1.19 -15.26 2.12
C ALA A 380 1.44 -14.56 0.79
N TYR A 381 2.19 -15.23 -0.08
CA TYR A 381 2.48 -14.71 -1.40
C TYR A 381 1.74 -15.52 -2.46
N GLU A 382 1.11 -14.83 -3.43
CA GLU A 382 0.50 -15.55 -4.54
C GLU A 382 0.58 -14.71 -5.81
N ARG A 383 0.85 -15.38 -6.92
CA ARG A 383 0.79 -14.78 -8.25
C ARG A 383 -0.17 -15.59 -9.11
N SER A 384 -1.13 -14.89 -9.73
CA SER A 384 -2.06 -15.53 -10.65
C SER A 384 -1.47 -15.57 -12.06
N ASN A 385 -1.93 -16.54 -12.84
CA ASN A 385 -1.86 -16.42 -14.29
C ASN A 385 -2.82 -15.32 -14.76
N ARG A 386 -2.64 -14.85 -16.00
CA ARG A 386 -3.57 -13.84 -16.52
C ARG A 386 -4.99 -14.40 -16.51
N VAL A 387 -5.93 -13.64 -15.92
CA VAL A 387 -7.25 -14.16 -15.61
C VAL A 387 -8.27 -13.02 -15.68
N PHE A 388 -9.46 -13.35 -16.18
CA PHE A 388 -10.61 -12.46 -16.17
C PHE A 388 -11.85 -13.30 -15.91
N ASN A 389 -12.62 -12.91 -14.88
CA ASN A 389 -13.87 -13.59 -14.53
C ASN A 389 -13.63 -15.09 -14.36
N TYR A 390 -12.62 -15.42 -13.56
CA TYR A 390 -12.24 -16.81 -13.23
C TYR A 390 -11.87 -17.62 -14.46
N THR A 391 -11.55 -16.98 -15.58
CA THR A 391 -11.15 -17.67 -16.80
C THR A 391 -9.74 -17.24 -17.19
N LEU A 392 -8.85 -18.21 -17.35
CA LEU A 392 -7.55 -17.91 -17.92
C LEU A 392 -7.76 -17.19 -19.25
N ASP A 393 -7.08 -16.06 -19.41
CA ASP A 393 -7.40 -15.16 -20.52
C ASP A 393 -6.15 -14.36 -20.87
N PRO A 394 -5.67 -14.42 -22.12
CA PRO A 394 -4.39 -13.76 -22.45
C PRO A 394 -4.44 -12.25 -22.33
N CYS A 395 -5.62 -11.65 -22.21
CA CYS A 395 -5.77 -10.22 -21.99
C CYS A 395 -6.18 -9.89 -20.56
N GLY A 396 -6.30 -10.89 -19.69
CA GLY A 396 -6.63 -10.62 -18.31
C GLY A 396 -5.42 -10.13 -17.53
N ALA A 397 -5.70 -9.42 -16.44
CA ALA A 397 -4.61 -8.92 -15.60
C ALA A 397 -3.90 -10.05 -14.87
N VAL A 398 -2.64 -9.81 -14.54
CA VAL A 398 -1.91 -10.61 -13.56
C VAL A 398 -2.24 -10.07 -12.18
N HIS A 399 -2.74 -10.93 -11.29
CA HIS A 399 -3.09 -10.55 -9.93
C HIS A 399 -2.02 -11.08 -8.98
N ILE A 400 -1.36 -10.17 -8.26
CA ILE A 400 -0.27 -10.53 -7.36
C ILE A 400 -0.64 -10.05 -5.97
N SER A 401 -0.52 -10.95 -4.98
CA SER A 401 -0.91 -10.62 -3.62
C SER A 401 0.31 -10.75 -2.72
N VAL A 402 0.67 -9.65 -2.06
CA VAL A 402 1.87 -9.59 -1.22
C VAL A 402 1.50 -9.08 0.17
N GLY A 403 0.42 -9.63 0.73
CA GLY A 403 0.05 -9.30 2.09
C GLY A 403 0.92 -10.00 3.13
N ASP A 404 2.13 -10.40 2.72
CA ASP A 404 3.04 -11.16 3.58
C ASP A 404 4.15 -10.29 4.16
N GLY A 405 3.83 -9.06 4.58
CA GLY A 405 4.83 -8.13 5.08
C GLY A 405 5.38 -8.44 6.45
N GLY A 406 4.74 -9.30 7.24
CA GLY A 406 5.31 -9.79 8.47
C GLY A 406 4.59 -9.42 9.78
N ASN A 407 3.34 -8.97 9.71
CA ASN A 407 2.63 -8.61 10.94
C ASN A 407 2.45 -9.82 11.86
N ARG A 408 2.01 -9.57 13.09
CA ARG A 408 1.94 -10.58 14.13
CA ARG A 408 1.96 -10.61 14.11
C ARG A 408 0.80 -11.59 13.93
N GLU A 409 -0.12 -11.34 13.00
CA GLU A 409 -1.18 -12.31 12.78
C GLU A 409 -0.65 -13.57 12.10
N LYS A 410 -1.42 -14.65 12.21
CA LYS A 410 -0.97 -15.93 11.67
C LYS A 410 -0.76 -15.84 10.17
N MET A 411 0.27 -16.53 9.70
CA MET A 411 0.48 -16.74 8.27
CA MET A 411 0.46 -16.70 8.27
C MET A 411 -0.67 -17.53 7.69
N ALA A 412 -1.06 -17.20 6.46
CA ALA A 412 -2.02 -18.03 5.74
C ALA A 412 -1.30 -19.26 5.22
N THR A 413 -1.74 -20.46 5.64
CA THR A 413 -1.06 -21.67 5.24
C THR A 413 -2.00 -22.68 4.59
N THR A 414 -3.26 -22.70 5.02
CA THR A 414 -4.25 -23.62 4.46
CA THR A 414 -4.22 -23.63 4.43
C THR A 414 -4.81 -23.06 3.15
N HIS A 415 -5.04 -23.94 2.18
CA HIS A 415 -5.63 -23.56 0.91
C HIS A 415 -7.09 -24.01 0.87
N ALA A 416 -7.94 -23.23 0.22
CA ALA A 416 -9.34 -23.63 0.12
C ALA A 416 -9.50 -24.96 -0.59
N ASP A 417 -8.55 -25.31 -1.46
CA ASP A 417 -8.59 -26.55 -2.22
C ASP A 417 -7.97 -27.73 -1.46
N ASP A 418 -7.38 -27.48 -0.29
CA ASP A 418 -6.90 -28.56 0.56
C ASP A 418 -8.07 -29.46 0.95
N PRO A 419 -7.84 -30.78 1.07
CA PRO A 419 -8.96 -31.68 1.40
C PRO A 419 -9.69 -31.23 2.66
N GLY A 420 -11.00 -31.08 2.54
CA GLY A 420 -11.85 -30.72 3.66
C GLY A 420 -11.79 -29.27 4.10
N ARG A 421 -11.08 -28.40 3.37
CA ARG A 421 -10.87 -27.04 3.84
C ARG A 421 -11.70 -26.01 3.08
N CYS A 422 -12.60 -26.43 2.23
CA CYS A 422 -13.41 -25.46 1.49
C CYS A 422 -14.36 -24.77 2.46
N PRO A 423 -14.35 -23.44 2.54
CA PRO A 423 -15.21 -22.76 3.51
C PRO A 423 -16.67 -22.85 3.13
N GLU A 424 -17.53 -22.72 4.13
CA GLU A 424 -18.95 -22.59 3.86
C GLU A 424 -19.19 -21.26 3.15
N PRO A 425 -19.85 -21.26 2.00
CA PRO A 425 -19.97 -20.02 1.22
C PRO A 425 -20.45 -18.81 2.03
N MET A 426 -21.49 -18.98 2.85
CA MET A 426 -22.05 -17.85 3.56
C MET A 426 -21.10 -17.29 4.61
N SER A 427 -20.00 -17.97 4.90
CA SER A 427 -19.04 -17.48 5.87
C SER A 427 -17.97 -16.59 5.25
N THR A 428 -17.99 -16.40 3.93
CA THR A 428 -16.85 -15.77 3.27
C THR A 428 -16.94 -14.27 3.04
N PRO A 429 -18.13 -13.67 2.88
CA PRO A 429 -18.18 -12.26 2.48
C PRO A 429 -17.65 -11.32 3.55
N ASP A 430 -17.07 -10.21 3.11
CA ASP A 430 -16.59 -9.20 4.04
C ASP A 430 -17.76 -8.59 4.79
N ALA A 431 -17.70 -8.67 6.12
CA ALA A 431 -18.84 -8.23 6.93
C ALA A 431 -18.95 -6.70 6.96
N PHE A 432 -17.83 -6.00 6.83
CA PHE A 432 -17.88 -4.53 6.86
C PHE A 432 -18.58 -3.98 5.63
N MET A 433 -18.26 -4.51 4.45
CA MET A 433 -18.86 -4.00 3.23
C MET A 433 -20.18 -4.68 2.89
N GLY A 434 -20.41 -5.88 3.41
CA GLY A 434 -21.67 -6.57 3.16
C GLY A 434 -21.80 -7.12 1.75
N GLY A 435 -22.97 -7.69 1.50
CA GLY A 435 -23.28 -8.33 0.24
C GLY A 435 -22.82 -9.78 0.20
N PHE A 436 -23.37 -10.52 -0.77
CA PHE A 436 -22.89 -11.86 -1.09
C PHE A 436 -22.93 -12.06 -2.58
N CYS A 437 -21.76 -12.32 -3.17
CA CYS A 437 -21.60 -12.42 -4.61
C CYS A 437 -20.89 -13.70 -5.04
N ALA A 438 -20.50 -14.57 -4.11
CA ALA A 438 -19.60 -15.69 -4.38
C ALA A 438 -20.42 -16.97 -4.58
N PHE A 439 -20.88 -17.17 -5.80
CA PHE A 439 -21.66 -18.36 -6.10
C PHE A 439 -20.76 -19.48 -6.62
N ASN A 440 -21.27 -20.71 -6.54
CA ASN A 440 -20.52 -21.86 -7.04
C ASN A 440 -20.25 -21.72 -8.54
N PHE A 441 -19.13 -22.27 -8.97
CA PHE A 441 -18.78 -22.21 -10.38
C PHE A 441 -19.78 -23.00 -11.21
N THR A 442 -20.04 -22.51 -12.41
CA THR A 442 -20.96 -23.15 -13.34
C THR A 442 -20.27 -23.74 -14.55
N SER A 443 -18.94 -23.61 -14.62
CA SER A 443 -18.16 -24.25 -15.68
C SER A 443 -16.74 -24.45 -15.15
N GLY A 444 -15.93 -25.12 -15.97
CA GLY A 444 -14.55 -25.38 -15.65
C GLY A 444 -14.40 -26.61 -14.79
N PRO A 445 -13.17 -26.92 -14.43
CA PRO A 445 -12.92 -28.12 -13.59
C PRO A 445 -13.73 -28.16 -12.31
N ALA A 446 -14.04 -27.02 -11.72
CA ALA A 446 -14.71 -26.95 -10.43
C ALA A 446 -16.20 -26.66 -10.55
N ALA A 447 -16.77 -26.85 -11.75
CA ALA A 447 -18.18 -26.63 -11.95
C ALA A 447 -19.01 -27.37 -10.90
N GLY A 448 -19.95 -26.66 -10.30
CA GLY A 448 -20.81 -27.21 -9.27
C GLY A 448 -20.31 -27.05 -7.86
N SER A 449 -19.09 -26.52 -7.67
CA SER A 449 -18.48 -26.43 -6.36
CA SER A 449 -18.45 -26.44 -6.38
C SER A 449 -18.07 -24.99 -6.07
N PHE A 450 -17.80 -24.75 -4.78
CA PHE A 450 -17.34 -23.45 -4.30
C PHE A 450 -15.82 -23.30 -4.41
N CYS A 451 -15.11 -24.43 -4.45
CA CYS A 451 -13.65 -24.50 -4.44
C CYS A 451 -13.22 -25.61 -5.38
N TRP A 452 -11.94 -25.60 -5.74
CA TRP A 452 -11.33 -26.73 -6.41
C TRP A 452 -10.90 -27.78 -5.38
N ASP A 453 -10.45 -28.95 -5.88
CA ASP A 453 -9.83 -29.94 -5.02
C ASP A 453 -8.32 -30.06 -5.28
N ARG A 454 -7.75 -29.08 -5.99
CA ARG A 454 -6.32 -28.95 -6.21
C ARG A 454 -6.07 -27.47 -6.49
N GLN A 455 -4.80 -27.09 -6.59
CA GLN A 455 -4.51 -25.68 -6.83
C GLN A 455 -5.18 -25.22 -8.12
N PRO A 456 -6.01 -24.16 -8.09
CA PRO A 456 -6.69 -23.72 -9.31
C PRO A 456 -5.70 -23.33 -10.41
N ASP A 457 -6.10 -23.59 -11.66
CA ASP A 457 -5.19 -23.35 -12.76
C ASP A 457 -4.90 -21.86 -13.00
N TYR A 458 -5.72 -20.97 -12.46
CA TYR A 458 -5.40 -19.54 -12.54
C TYR A 458 -4.39 -19.10 -11.48
N SER A 459 -3.96 -19.98 -10.59
CA SER A 459 -2.92 -19.70 -9.61
C SER A 459 -1.58 -20.21 -10.14
N ALA A 460 -0.67 -19.28 -10.42
CA ALA A 460 0.63 -19.70 -10.95
C ALA A 460 1.58 -20.15 -9.85
N TYR A 461 1.59 -19.43 -8.72
CA TYR A 461 2.61 -19.63 -7.70
C TYR A 461 2.04 -19.19 -6.36
N ARG A 462 2.21 -20.02 -5.33
CA ARG A 462 1.80 -19.59 -4.00
C ARG A 462 2.78 -20.15 -2.98
N GLU A 463 3.12 -19.32 -1.99
CA GLU A 463 4.07 -19.71 -0.96
C GLU A 463 3.75 -18.97 0.34
N SER A 464 3.74 -19.72 1.44
CA SER A 464 3.49 -19.13 2.76
C SER A 464 4.80 -18.67 3.39
N SER A 465 5.34 -17.57 2.86
CA SER A 465 6.53 -16.92 3.41
C SER A 465 6.31 -15.42 3.45
N PHE A 466 6.97 -14.76 4.40
CA PHE A 466 7.04 -13.30 4.41
C PHE A 466 7.99 -12.81 3.32
N GLY A 467 7.77 -11.59 2.84
CA GLY A 467 8.65 -11.05 1.83
C GLY A 467 8.09 -9.77 1.24
N HIS A 468 8.70 -9.37 0.13
CA HIS A 468 8.31 -8.15 -0.58
C HIS A 468 8.55 -8.38 -2.06
N GLY A 469 7.93 -7.53 -2.88
CA GLY A 469 8.14 -7.62 -4.31
C GLY A 469 8.80 -6.39 -4.91
N ILE A 470 9.42 -6.57 -6.08
CA ILE A 470 10.07 -5.48 -6.81
C ILE A 470 9.61 -5.59 -8.25
N LEU A 471 9.07 -4.49 -8.78
CA LEU A 471 8.65 -4.42 -10.17
C LEU A 471 9.61 -3.53 -10.93
N GLU A 472 10.18 -4.06 -12.01
CA GLU A 472 11.14 -3.33 -12.85
C GLU A 472 10.53 -3.21 -14.25
N VAL A 473 9.83 -2.12 -14.50
CA VAL A 473 9.27 -1.90 -15.83
C VAL A 473 10.39 -1.46 -16.77
N LYS A 474 10.54 -2.19 -17.87
CA LYS A 474 11.68 -2.00 -18.77
C LYS A 474 11.36 -1.12 -19.97
N ASN A 475 10.16 -1.26 -20.51
CA ASN A 475 9.72 -0.49 -21.66
C ASN A 475 8.21 -0.65 -21.78
N GLU A 476 7.67 -0.28 -22.94
CA GLU A 476 6.22 -0.23 -23.10
C GLU A 476 5.58 -1.61 -23.11
N THR A 477 6.35 -2.69 -23.24
CA THR A 477 5.77 -4.03 -23.28
C THR A 477 6.23 -4.99 -22.19
N HIS A 478 7.38 -4.76 -21.56
CA HIS A 478 7.95 -5.73 -20.63
C HIS A 478 8.17 -5.14 -19.25
N ALA A 479 7.77 -5.88 -18.22
CA ALA A 479 8.08 -5.54 -16.84
C ALA A 479 8.57 -6.80 -16.13
N LEU A 480 9.67 -6.68 -15.42
CA LEU A 480 10.21 -7.81 -14.67
C LEU A 480 9.68 -7.75 -13.25
N TRP A 481 9.01 -8.82 -12.82
CA TRP A 481 8.50 -8.92 -11.46
C TRP A 481 9.37 -9.90 -10.68
N LYS A 482 9.78 -9.51 -9.48
CA LYS A 482 10.51 -10.38 -8.57
C LYS A 482 9.85 -10.34 -7.20
N TRP A 483 9.70 -11.50 -6.57
CA TRP A 483 9.29 -11.57 -5.18
C TRP A 483 10.41 -12.22 -4.38
N HIS A 484 10.76 -11.61 -3.25
CA HIS A 484 11.90 -12.00 -2.43
C HIS A 484 11.41 -12.48 -1.08
N ARG A 485 11.78 -13.70 -0.69
CA ARG A 485 11.33 -14.22 0.60
C ARG A 485 12.29 -13.77 1.70
N ASN A 486 11.74 -13.47 2.88
CA ASN A 486 12.56 -12.91 3.97
C ASN A 486 13.65 -13.88 4.43
N GLN A 487 13.38 -15.19 4.38
CA GLN A 487 14.35 -16.10 4.96
C GLN A 487 15.57 -16.30 4.08
N ASP A 488 15.55 -15.82 2.84
CA ASP A 488 16.74 -15.80 2.00
C ASP A 488 17.42 -14.46 2.17
N LEU A 489 18.70 -14.49 2.54
CA LEU A 489 19.46 -13.26 2.70
C LEU A 489 20.66 -13.19 1.76
N TYR A 490 20.92 -14.24 0.97
CA TYR A 490 22.10 -14.20 0.13
C TYR A 490 21.86 -13.31 -1.08
N GLN A 491 22.96 -12.87 -1.70
CA GLN A 491 22.88 -11.90 -2.79
C GLN A 491 22.20 -12.51 -4.00
N GLY A 492 21.23 -11.78 -4.55
CA GLY A 492 20.52 -12.23 -5.72
C GLY A 492 19.42 -13.23 -5.48
N ALA A 493 19.13 -13.56 -4.22
CA ALA A 493 18.06 -14.51 -3.92
C ALA A 493 16.73 -13.99 -4.45
N VAL A 494 15.97 -14.89 -5.06
CA VAL A 494 14.64 -14.55 -5.58
CA VAL A 494 14.63 -14.54 -5.54
C VAL A 494 13.76 -15.78 -5.44
N GLY A 495 12.54 -15.58 -4.95
CA GLY A 495 11.61 -16.69 -4.79
C GLY A 495 10.76 -16.94 -6.03
N ASP A 496 10.33 -15.86 -6.68
CA ASP A 496 9.48 -15.95 -7.86
C ASP A 496 9.88 -14.81 -8.77
N GLU A 497 10.02 -15.09 -10.07
CA GLU A 497 10.45 -14.08 -11.01
C GLU A 497 9.82 -14.37 -12.36
N ILE A 498 9.25 -13.35 -13.00
CA ILE A 498 8.66 -13.53 -14.31
C ILE A 498 8.61 -12.20 -15.02
N TYR A 499 8.77 -12.24 -16.35
CA TYR A 499 8.48 -11.08 -17.19
C TYR A 499 6.99 -11.04 -17.47
N ILE A 500 6.37 -9.93 -17.11
CA ILE A 500 4.99 -9.66 -17.48
C ILE A 500 5.03 -8.89 -18.79
N VAL A 501 4.44 -9.44 -19.84
CA VAL A 501 4.54 -8.87 -21.18
C VAL A 501 3.16 -8.46 -21.63
N ARG A 502 3.02 -7.20 -22.02
CA ARG A 502 1.72 -6.75 -22.50
C ARG A 502 1.73 -6.69 -24.02
N GLU A 503 0.53 -6.82 -24.59
CA GLU A 503 0.31 -6.93 -26.03
C GLU A 503 -0.79 -5.95 -26.40
N PRO A 504 -0.48 -4.65 -26.47
CA PRO A 504 -1.56 -3.67 -26.64
C PRO A 504 -2.35 -3.86 -27.94
N GLU A 505 -1.70 -4.28 -29.03
CA GLU A 505 -2.45 -4.47 -30.28
C GLU A 505 -3.43 -5.62 -30.17
N ARG A 506 -3.17 -6.55 -29.25
CA ARG A 506 -4.06 -7.69 -29.05
C ARG A 506 -5.25 -7.33 -28.18
N CYS A 507 -5.02 -6.55 -27.11
CA CYS A 507 -5.99 -6.45 -26.03
C CYS A 507 -6.72 -5.12 -25.94
N LEU A 508 -6.12 -4.03 -26.42
CA LEU A 508 -6.74 -2.72 -26.24
C LEU A 508 -7.76 -2.43 -27.32
C1 NAG B . 11.54 -4.37 -23.94
C2 NAG B . 12.04 -4.71 -25.34
C3 NAG B . 12.23 -6.17 -25.46
C4 NAG B . 13.15 -6.74 -24.42
C5 NAG B . 12.53 -6.43 -23.04
C6 NAG B . 13.34 -6.96 -21.88
C7 NAG B . 11.17 -2.97 -27.02
C8 NAG B . 10.11 -2.52 -28.03
N2 NAG B . 11.02 -4.24 -26.33
O3 NAG B . 12.74 -6.46 -26.79
O4 NAG B . 13.27 -8.15 -24.58
O5 NAG B . 12.42 -4.98 -22.91
O6 NAG B . 14.61 -6.36 -21.83
O7 NAG B . 12.11 -2.27 -26.81
H1 NAG B . 10.64 -4.72 -23.84
H2 NAG B . 12.88 -4.25 -25.49
H3 NAG B . 11.36 -6.61 -25.37
H4 NAG B . 14.02 -6.32 -24.49
H5 NAG B . 11.65 -6.81 -23.02
H61 NAG B . 13.44 -7.92 -21.98
H62 NAG B . 12.86 -6.77 -21.06
H81 NAG B . 10.05 -3.16 -28.75
H82 NAG B . 10.36 -1.65 -28.40
H83 NAG B . 9.24 -2.44 -27.59
HN2 NAG B . 10.34 -4.74 -26.50
HO3 NAG B . 12.37 -7.16 -27.10
HO6 NAG B . 14.96 -6.50 -21.07
C1 NAG B . 14.56 -8.56 -24.46
C2 NAG B . 14.65 -10.08 -24.41
C3 NAG B . 16.06 -10.55 -24.38
C4 NAG B . 16.91 -9.97 -25.48
C5 NAG B . 16.77 -8.45 -25.52
C6 NAG B . 17.48 -7.90 -26.72
C7 NAG B . 12.58 -11.05 -23.25
C8 NAG B . 11.89 -11.61 -21.99
N2 NAG B . 13.97 -10.60 -23.18
O3 NAG B . 16.05 -12.01 -24.50
O4 NAG B . 18.29 -10.23 -25.22
O5 NAG B . 15.36 -8.03 -25.61
O6 NAG B . 16.86 -8.37 -27.89
O7 NAG B . 11.98 -10.95 -24.27
H1 NAG B . 14.93 -8.19 -23.64
H2 NAG B . 14.21 -10.44 -25.20
H3 NAG B . 16.45 -10.31 -23.52
H4 NAG B . 16.65 -10.35 -26.32
H5 NAG B . 17.15 -8.06 -24.72
H61 NAG B . 18.40 -8.18 -26.71
H62 NAG B . 17.43 -6.93 -26.71
H81 NAG B . 10.98 -11.84 -22.20
H82 NAG B . 11.91 -10.93 -21.29
H83 NAG B . 12.38 -12.39 -21.69
HN2 NAG B . 14.41 -10.68 -22.45
HO3 NAG B . 15.94 -12.35 -23.73
HO6 NAG B . 16.12 -7.96 -28.00
C1 BMA B . 18.74 -11.38 -25.78
C2 BMA B . 20.26 -11.30 -25.89
C3 BMA B . 20.86 -12.57 -26.39
C4 BMA B . 20.42 -13.73 -25.56
C5 BMA B . 18.90 -13.84 -25.49
C6 BMA B . 18.48 -14.98 -24.61
O2 BMA B . 20.79 -11.02 -24.59
O3 BMA B . 22.30 -12.45 -26.36
O4 BMA B . 20.94 -14.95 -26.11
O5 BMA B . 18.32 -12.59 -24.97
O6 BMA B . 17.08 -15.07 -24.58
H1 BMA B . 18.37 -11.47 -26.68
H2 BMA B . 20.49 -10.58 -26.50
H3 BMA B . 20.57 -12.71 -27.31
H4 BMA B . 20.77 -13.63 -24.66
H5 BMA B . 18.56 -13.99 -26.39
H61 BMA B . 18.83 -14.83 -23.71
H62 BMA B . 18.85 -15.81 -24.96
HO2 BMA B . 20.85 -10.18 -24.48
HO4 BMA B . 21.39 -15.37 -25.52
FE FE C . -3.41 -8.03 7.20
FE FE D . -6.34 -7.11 5.62
C1 NAG E . -12.43 9.86 26.22
C2 NAG E . -12.93 10.06 27.65
C3 NAG E . -14.42 9.90 27.72
C4 NAG E . -15.13 10.79 26.75
C5 NAG E . -14.56 10.67 25.33
C6 NAG E . -15.20 11.70 24.44
C7 NAG E . -11.29 9.48 29.52
C8 NAG E . -10.64 8.44 30.42
N2 NAG E . -12.29 9.05 28.54
O3 NAG E . -14.85 10.24 29.07
O4 NAG E . -16.51 10.42 26.70
O5 NAG E . -13.10 10.87 25.34
O6 NAG E . -14.74 12.99 24.76
O7 NAG E . -11.00 10.63 29.60
H1 NAG E . -12.68 8.98 25.93
H2 NAG E . -12.69 10.95 27.94
H3 NAG E . -14.64 8.99 27.53
H4 NAG E . -15.05 11.72 27.04
H5 NAG E . -14.75 9.78 24.99
H61 NAG E . -16.16 11.66 24.56
H62 NAG E . -14.98 11.50 23.52
H81 NAG E . -10.17 7.78 29.87
H82 NAG E . -11.32 7.99 30.95
H83 NAG E . -10.00 8.88 31.01
HN2 NAG E . -12.50 8.22 28.48
HO3 NAG E . -15.46 9.71 29.31
HO4 NAG E . -16.98 11.10 26.90
HO6 NAG E . -14.78 13.48 24.08
C1 NAG F . 9.98 -14.26 11.76
C2 NAG F . 10.26 -15.54 10.99
C3 NAG F . 10.86 -16.60 11.87
C4 NAG F . 12.09 -16.11 12.59
C5 NAG F . 11.73 -14.87 13.38
C6 NAG F . 12.88 -14.29 14.16
C7 NAG F . 8.76 -16.38 9.10
C8 NAG F . 7.41 -16.99 8.73
N2 NAG F . 8.96 -16.08 10.51
O3 NAG F . 11.22 -17.74 11.05
O4 NAG F . 12.58 -17.13 13.46
O5 NAG F . 11.25 -13.87 12.43
O6 NAG F . 13.85 -13.78 13.29
O7 NAG F . 9.61 -16.17 8.29
H1 NAG F . 9.31 -14.45 12.44
H2 NAG F . 10.85 -15.36 10.25
H3 NAG F . 10.20 -16.87 12.53
H4 NAG F . 12.77 -15.89 11.94
H5 NAG F . 11.00 -15.08 14.00
H61 NAG F . 13.26 -14.98 14.71
H62 NAG F . 12.55 -13.57 14.73
H81 NAG F . 7.28 -17.83 9.19
H82 NAG F . 7.38 -17.14 7.76
H83 NAG F . 6.70 -16.37 8.97
HN2 NAG F . 8.34 -16.27 11.07
HO3 NAG F . 10.98 -18.45 11.44
HO4 NAG F . 13.33 -17.40 13.18
HO6 NAG F . 13.63 -13.00 13.03
C1 NAG G . -6.32 -4.02 29.75
C2 NAG G . -5.65 -4.72 30.93
C3 NAG G . -5.92 -6.18 30.96
C4 NAG G . -7.39 -6.45 30.91
C5 NAG G . -8.01 -5.79 29.69
C6 NAG G . -9.48 -6.08 29.63
C7 NAG G . -3.55 -3.45 31.65
C8 NAG G . -2.06 -3.18 31.53
N2 NAG G . -4.18 -4.47 30.81
O3 NAG G . -5.35 -6.75 32.17
O4 NAG G . -7.60 -7.87 30.87
O5 NAG G . -7.80 -4.34 29.73
O6 NAG G . -10.13 -5.48 30.73
O7 NAG G . -4.22 -2.84 32.43
H1 NAG G . -5.92 -4.34 28.93
H2 NAG G . -5.97 -4.32 31.75
H3 NAG G . -5.49 -6.59 30.19
H4 NAG G . -7.80 -6.08 31.72
H5 NAG G . -7.59 -6.15 28.90
H61 NAG G . -9.62 -7.04 29.65
H62 NAG G . -9.85 -5.72 28.81
H81 NAG G . -1.56 -3.99 31.73
H82 NAG G . -1.80 -2.48 32.15
H83 NAG G . -1.85 -2.90 30.62
HN2 NAG G . -3.71 -4.90 30.24
HO3 NAG G . -4.84 -7.39 31.97
HO4 NAG G . -7.88 -8.13 31.63
HO6 NAG G . -10.50 -4.77 30.48
C1 NAG H . -23.45 4.99 14.09
C2 NAG H . -24.53 6.06 13.89
C3 NAG H . -25.87 5.54 14.24
C4 NAG H . -26.20 4.34 13.40
C5 NAG H . -25.13 3.25 13.50
C6 NAG H . -25.36 2.20 12.46
C7 NAG H . -23.61 8.43 14.17
C8 NAG H . -23.21 9.58 15.10
N2 NAG H . -24.13 7.21 14.76
O3 NAG H . -26.87 6.57 14.02
O4 NAG H . -27.43 3.79 13.86
O5 NAG H . -23.78 3.78 13.26
O6 NAG H . -24.32 1.25 12.52
O7 NAG H . -23.51 8.55 12.99
H1 NAG H . -23.44 4.73 15.02
H2 NAG H . -24.52 6.35 12.96
H3 NAG H . -25.88 5.28 15.18
H4 NAG H . -26.29 4.61 12.48
H5 NAG H . -25.16 2.85 14.38
H61 NAG H . -25.38 2.60 11.58
H62 NAG H . -26.21 1.75 12.63
H81 NAG H . -23.98 9.87 15.62
H82 NAG H . -22.88 10.33 14.57
H83 NAG H . -22.51 9.29 15.70
HN2 NAG H . -24.20 7.13 15.62
HO3 NAG H . -27.30 6.72 14.73
HO4 NAG H . -28.08 4.19 13.47
HO6 NAG H . -23.95 1.20 11.76
C1 NAG I . -18.63 -14.08 -15.61
C2 NAG I . -19.54 -13.18 -16.43
C3 NAG I . -20.97 -13.37 -16.10
C4 NAG I . -21.38 -14.81 -16.15
C5 NAG I . -20.45 -15.69 -15.29
C6 NAG I . -20.84 -17.12 -15.46
C7 NAG I . -18.65 -10.87 -17.22
C8 NAG I . -18.47 -11.39 -18.65
N2 NAG I . -19.17 -11.75 -16.16
O3 NAG I . -21.77 -12.61 -17.06
O4 NAG I . -22.71 -14.95 -15.66
O5 NAG I . -19.05 -15.51 -15.70
O6 NAG I . -20.26 -17.63 -16.63
O7 NAG I . -18.36 -9.75 -16.96
H1 NAG I . -18.67 -13.79 -14.68
H2 NAG I . -19.41 -13.37 -17.37
H3 NAG I . -21.14 -13.02 -15.21
H4 NAG I . -21.33 -15.12 -17.07
H5 NAG I . -20.55 -15.43 -14.36
H61 NAG I . -21.80 -17.20 -15.52
H62 NAG I . -20.53 -17.63 -14.70
H81 NAG I . -18.11 -10.67 -19.20
H82 NAG I . -19.33 -11.67 -19.00
H83 NAG I . -17.85 -12.13 -18.65
HN2 NAG I . -19.25 -11.44 -15.36
HO3 NAG I . -22.13 -11.95 -16.67
HO4 NAG I . -22.76 -14.65 -14.87
HO6 NAG I . -19.61 -18.15 -16.43
C1 NAG J . -21.63 -25.23 -3.75
C2 NAG J . -22.88 -26.00 -3.37
C3 NAG J . -22.77 -26.64 -2.03
C4 NAG J . -21.52 -27.45 -1.88
C5 NAG J . -20.29 -26.61 -2.24
C6 NAG J . -19.03 -27.41 -2.20
C7 NAG J . -25.00 -25.11 -4.46
C8 NAG J . -26.21 -24.17 -4.47
N2 NAG J . -24.05 -25.07 -3.35
O3 NAG J . -23.92 -27.51 -1.85
O4 NAG J . -21.43 -27.91 -0.54
O5 NAG J . -20.42 -26.09 -3.61
O6 NAG J . -17.95 -26.55 -2.43
O7 NAG J . -24.84 -25.88 -5.35
H1 NAG J . -21.55 -24.46 -3.16
H2 NAG J . -23.03 -26.70 -4.03
H3 NAG J . -22.78 -25.95 -1.35
H4 NAG J . -21.57 -28.21 -2.48
H5 NAG J . -20.22 -25.86 -1.62
H61 NAG J . -19.06 -28.10 -2.90
H62 NAG J . -18.94 -27.85 -1.34
H81 NAG J . -26.74 -24.33 -5.27
H82 NAG J . -25.91 -23.25 -4.46
H83 NAG J . -26.76 -24.35 -3.68
HN2 NAG J . -24.17 -24.53 -2.70
HO3 NAG J . -24.26 -27.38 -1.08
HO4 NAG J . -21.20 -28.73 -0.53
HO6 NAG J . -17.49 -26.82 -3.08
P PO4 K . -5.82 -9.33 8.02
O1 PO4 K . -5.89 -10.63 7.27
O2 PO4 K . -6.65 -8.25 7.35
O3 PO4 K . -4.40 -8.84 8.17
O4 PO4 K . -6.37 -9.53 9.41
P PO4 L . -4.90 -20.61 7.93
O1 PO4 L . -6.03 -21.62 8.00
O2 PO4 L . -5.44 -19.28 7.46
O3 PO4 L . -3.85 -21.10 6.97
O4 PO4 L . -4.30 -20.45 9.30
P PO4 M . -25.45 -0.74 -8.35
O1 PO4 M . -25.92 -0.15 -9.65
O2 PO4 M . -24.90 -2.13 -8.58
O3 PO4 M . -26.60 -0.82 -7.37
O4 PO4 M . -24.36 0.14 -7.76
C1 PEG N . 18.06 4.80 -5.36
O1 PEG N . 17.74 4.37 -6.65
C2 PEG N . 16.80 5.24 -4.62
O2 PEG N . 17.04 5.17 -3.25
C3 PEG N . 16.31 6.05 -2.45
C4 PEG N . 16.75 5.89 -0.99
O4 PEG N . 18.11 6.20 -0.86
H11 PEG N . 18.48 4.06 -4.87
H12 PEG N . 18.68 5.53 -5.42
HO1 PEG N . 18.28 4.71 -7.20
H21 PEG N . 16.58 6.15 -4.87
H22 PEG N . 16.06 4.66 -4.85
H31 PEG N . 16.49 6.97 -2.74
H32 PEG N . 15.36 5.86 -2.53
H41 PEG N . 16.22 6.48 -0.43
H42 PEG N . 16.59 4.97 -0.71
HO4 PEG N . 18.40 5.85 -0.15
C1 PEG O . -14.65 -29.61 -6.45
O1 PEG O . -13.73 -30.01 -5.47
C2 PEG O . -14.17 -30.08 -7.81
O2 PEG O . -12.88 -29.57 -8.08
C3 PEG O . -12.33 -30.11 -9.25
C4 PEG O . -11.10 -29.30 -9.69
O4 PEG O . -10.04 -29.52 -8.81
H11 PEG O . -14.73 -28.65 -6.44
H12 PEG O . -15.51 -30.01 -6.26
HO1 PEG O . -14.14 -30.46 -4.87
H21 PEG O . -14.78 -29.76 -8.50
H22 PEG O . -14.14 -31.04 -7.84
H31 PEG O . -12.99 -30.08 -9.96
H32 PEG O . -12.06 -31.03 -9.10
H41 PEG O . -11.33 -28.35 -9.70
H42 PEG O . -10.84 -29.57 -10.58
HO4 PEG O . -9.32 -29.60 -9.25
C1 PEG P . 2.39 17.85 23.73
O1 PEG P . 2.78 16.71 24.45
C2 PEG P . 3.63 18.62 23.23
O2 PEG P . 4.81 17.87 23.38
C3 PEG P . 5.88 18.25 22.55
C4 PEG P . 6.21 19.74 22.60
O4 PEG P . 6.86 20.06 23.79
H11 PEG P . 1.87 18.43 24.29
H12 PEG P . 1.86 17.58 22.96
HO1 PEG P . 2.20 16.10 24.33
H21 PEG P . 3.71 19.44 23.74
H22 PEG P . 3.50 18.83 22.29
H31 PEG P . 5.64 18.01 21.63
H32 PEG P . 6.66 17.74 22.80
H41 PEG P . 5.39 20.26 22.53
H42 PEG P . 6.79 19.96 21.86
HO4 PEG P . 7.13 20.87 23.76
C1 PEG Q . -12.44 11.48 5.54
O1 PEG Q . -11.28 12.04 4.98
C2 PEG Q . -12.08 10.19 6.29
O2 PEG Q . -13.19 9.83 7.07
C3 PEG Q . -13.62 8.49 7.01
C4 PEG Q . -15.00 8.44 6.38
O4 PEG Q . -15.43 7.11 6.27
H11 PEG Q . -13.08 11.28 4.85
H12 PEG Q . -12.82 12.11 6.17
HO1 PEG Q . -11.15 11.69 4.22
H21 PEG Q . -11.30 10.33 6.85
H22 PEG Q . -11.90 9.50 5.64
H31 PEG Q . -13.66 8.14 7.92
H32 PEG Q . -13.00 7.97 6.49
H41 PEG Q . -14.98 8.84 5.50
H42 PEG Q . -15.64 8.94 6.93
HO4 PEG Q . -15.40 6.87 5.46
C1 PEG R . -10.47 12.50 14.68
O1 PEG R . -9.93 13.53 15.47
C2 PEG R . -11.94 12.32 14.99
O2 PEG R . -12.10 11.59 16.19
C3 PEG R . -12.07 12.29 17.40
C4 PEG R . -13.20 13.32 17.52
O4 PEG R . -14.43 12.71 17.25
H11 PEG R . -9.99 11.67 14.85
H12 PEG R . -10.36 12.75 13.74
HO1 PEG R . -9.78 14.21 14.99
H21 PEG R . -12.39 11.85 14.26
H22 PEG R . -12.35 13.20 15.10
H31 PEG R . -11.21 12.75 17.47
H32 PEG R . -12.15 11.66 18.13
H41 PEG R . -13.04 14.03 16.87
H42 PEG R . -13.21 13.69 18.41
HO4 PEG R . -15.03 13.06 17.74
C1 EDO S . -2.59 15.20 1.52
O1 EDO S . -3.44 14.14 1.87
C2 EDO S . -3.06 16.49 2.19
O2 EDO S . -4.31 16.85 1.68
H11 EDO S . -2.61 15.32 0.55
H12 EDO S . -1.69 14.99 1.80
HO1 EDO S . -3.21 13.83 2.63
H21 EDO S . -2.41 17.20 2.02
H22 EDO S . -3.13 16.35 3.15
HO2 EDO S . -4.73 17.30 2.25
C1 EDO T . -16.00 11.91 -8.76
O1 EDO T . -16.17 11.80 -10.15
C2 EDO T . -16.80 10.80 -8.09
O2 EDO T . -16.69 10.93 -6.70
H11 EDO T . -16.32 12.77 -8.46
H12 EDO T . -15.06 11.81 -8.54
HO1 EDO T . -15.65 12.36 -10.53
H21 EDO T . -17.74 10.87 -8.34
H22 EDO T . -16.45 9.94 -8.37
HO2 EDO T . -16.77 10.16 -6.34
C1 EDO U . 8.20 27.87 -5.23
O1 EDO U . 7.73 27.35 -6.45
C2 EDO U . 9.66 28.31 -5.38
O2 EDO U . 10.07 28.96 -4.21
H11 EDO U . 8.14 27.19 -4.55
H12 EDO U . 7.66 28.64 -4.98
HO1 EDO U . 7.17 26.74 -6.29
H21 EDO U . 9.75 28.91 -6.13
H22 EDO U . 10.22 27.52 -5.53
HO2 EDO U . 10.57 28.44 -3.76
C1 EDO V . 4.18 26.39 19.91
O1 EDO V . 3.34 26.70 20.99
C2 EDO V . 5.20 27.51 19.73
O2 EDO V . 6.03 27.59 20.85
H11 EDO V . 3.64 26.32 19.11
H12 EDO V . 4.64 25.56 20.08
HO1 EDO V . 2.61 27.05 20.71
H21 EDO V . 4.74 28.36 19.60
H22 EDO V . 5.74 27.32 18.95
HO2 EDO V . 6.85 27.61 20.60
C1 EDO W . -16.52 -9.65 -21.45
O1 EDO W . -15.87 -8.43 -21.64
C2 EDO W . -15.97 -10.72 -22.40
O2 EDO W . -14.59 -10.86 -22.19
H11 EDO W . -17.47 -9.53 -21.62
H12 EDO W . -16.40 -9.95 -20.53
HO1 EDO W . -16.20 -7.84 -21.14
H21 EDO W . -16.14 -10.45 -23.31
H22 EDO W . -16.41 -11.56 -22.22
HO2 EDO W . -14.17 -10.30 -22.69
C1 EDO X . 17.39 -10.54 -7.29
O1 EDO X . 17.77 -11.37 -8.35
C2 EDO X . 18.08 -9.20 -7.42
O2 EDO X . 17.12 -8.18 -7.43
H11 EDO X . 17.63 -10.95 -6.45
H12 EDO X . 16.42 -10.41 -7.32
HO1 EDO X . 17.10 -11.51 -8.86
H21 EDO X . 18.58 -9.17 -8.25
H22 EDO X . 18.69 -9.07 -6.67
HO2 EDO X . 17.30 -7.62 -6.82
C1 EDO Y . 5.95 -20.60 -29.64
O1 EDO Y . 6.88 -21.53 -29.16
C2 EDO Y . 6.55 -19.87 -30.83
O2 EDO Y . 6.72 -20.75 -31.91
H11 EDO Y . 5.13 -21.05 -29.91
H12 EDO Y . 5.75 -19.96 -28.93
HO1 EDO Y . 6.54 -22.32 -29.20
H21 EDO Y . 5.96 -19.15 -31.10
H22 EDO Y . 7.41 -19.49 -30.59
HO2 EDO Y . 7.28 -20.42 -32.45
C1 EDO Z . -8.99 12.31 -13.06
O1 EDO Z . -8.55 11.25 -12.24
C2 EDO Z . -10.48 12.17 -13.36
O2 EDO Z . -11.07 11.25 -12.48
H11 EDO Z . -8.83 13.15 -12.60
H12 EDO Z . -8.48 12.30 -13.88
HO1 EDO Z . -7.78 11.01 -12.48
H21 EDO Z . -10.59 11.85 -14.27
H22 EDO Z . -10.91 13.04 -13.26
HO2 EDO Z . -11.34 11.65 -11.79
C1 PGE AA . 18.39 8.45 -4.86
O1 PGE AA . 19.54 9.11 -5.31
C2 PGE AA . 17.65 9.32 -3.85
O2 PGE AA . 18.41 9.45 -2.69
C3 PGE AA . 17.75 10.08 -1.63
C4 PGE AA . 18.65 10.06 -0.39
O4 PGE AA . 21.19 12.66 1.04
C6 PGE AA . 21.84 11.69 0.28
C5 PGE AA . 20.91 10.50 0.08
O3 PGE AA . 19.73 10.92 -0.56
H1 PGE AA . 17.81 8.27 -5.62
H12 PGE AA . 18.64 7.61 -4.44
HO1 PGE AA . 19.66 8.95 -6.13
H2 PGE AA . 16.79 8.92 -3.63
H22 PGE AA . 17.49 10.20 -4.23
H3 PGE AA . 17.58 11.00 -1.88
H32 PGE AA . 16.91 9.64 -1.44
H4 PGE AA . 18.13 10.34 0.38
H42 PGE AA . 18.97 9.15 -0.23
HO4 PGE AA . 21.33 13.43 0.71
H6 PGE AA . 22.65 11.40 0.73
H62 PGE AA . 22.08 12.06 -0.58
H5 PGE AA . 21.34 9.83 -0.46
H52 PGE AA . 20.68 10.12 0.94
C1 PGE BA . 9.46 5.26 -31.95
O1 PGE BA . 10.76 4.91 -31.56
C2 PGE BA . 9.11 6.64 -31.36
O2 PGE BA . 7.74 6.76 -31.14
C3 PGE BA . 7.35 6.11 -29.98
C4 PGE BA . 5.89 6.25 -29.59
O4 PGE BA . 3.99 3.36 -27.19
C6 PGE BA . 5.31 3.13 -27.63
C5 PGE BA . 5.60 3.99 -28.86
O3 PGE BA . 5.64 5.36 -28.53
H1 PGE BA . 8.83 4.60 -31.60
H12 PGE BA . 9.41 5.29 -32.92
HO1 PGE BA . 11.24 4.78 -32.25
H2 PGE BA . 9.57 6.73 -30.52
H22 PGE BA . 9.42 7.34 -31.96
H3 PGE BA . 7.55 5.16 -30.08
H32 PGE BA . 7.89 6.46 -29.24
H4 PGE BA . 5.33 6.00 -30.35
H42 PGE BA . 5.68 7.15 -29.32
HO4 PGE BA . 3.94 3.19 -26.36
H6 PGE BA . 5.93 3.35 -26.92
H62 PGE BA . 5.40 2.20 -27.86
H5 PGE BA . 6.47 3.73 -29.22
H52 PGE BA . 4.92 3.84 -29.53
C1 PGE CA . -2.25 19.68 -9.49
O1 PGE CA . -2.26 19.02 -10.72
C2 PGE CA . -3.67 20.15 -9.11
O2 PGE CA . -3.64 20.58 -7.78
C3 PGE CA . -4.87 20.84 -7.18
C4 PGE CA . -4.84 20.34 -5.73
O4 PGE CA . -1.81 21.91 -3.44
C6 PGE CA . -3.03 21.66 -2.80
C5 PGE CA . -3.85 20.66 -3.63
O3 PGE CA . -3.98 21.12 -4.95
H1 PGE CA . -1.67 20.45 -9.54
H12 PGE CA . -1.93 19.08 -8.80
HO1 PGE CA . -1.67 18.42 -10.72
H2 PGE CA . -3.94 20.86 -9.69
H22 PGE CA . -4.29 19.40 -9.19
H3 PGE CA . -5.03 21.80 -7.18
H32 PGE CA . -5.59 20.40 -7.67
H4 PGE CA . -4.54 19.42 -5.72
H42 PGE CA . -5.74 20.38 -5.36
HO4 PGE CA . -1.50 22.67 -3.17
H6 PGE CA . -2.85 21.27 -1.93
H62 PGE CA . -3.53 22.49 -2.70
H5 PGE CA . -3.41 19.80 -3.64
H52 PGE CA . -4.73 20.57 -3.23
C1 PG6 DA . -17.15 -26.56 -18.53
O1 PG6 DA . -16.00 -26.25 -19.27
C2 PG6 DA . -15.82 -24.90 -19.65
C3 PG6 DA . -14.89 -24.23 -18.64
O2 PG6 DA . -14.44 -22.96 -19.01
C4 PG6 DA . -13.71 -22.28 -18.02
C5 PG6 DA . -14.54 -22.08 -16.74
O3 PG6 DA . -13.89 -21.28 -15.81
C6 PG6 DA . -14.58 -21.22 -14.58
C7 PG6 DA . -15.87 -20.39 -14.70
O4 PG6 DA . -15.56 -19.14 -15.22
C8 PG6 DA . -16.63 -18.27 -15.47
C9 PG6 DA . -17.61 -18.15 -14.30
O5 PG6 DA . -17.01 -17.55 -13.19
C10 PG6 DA . -17.92 -17.09 -12.22
C11 PG6 DA . -18.70 -18.26 -11.61
O6 PG6 DA . -19.52 -17.86 -10.55
C12 PG6 DA . -20.91 -17.82 -10.82
H11 PG6 DA . -17.29 -27.52 -18.55
H12 PG6 DA . -17.91 -26.11 -18.92
H13 PG6 DA . -17.03 -26.27 -17.62
H21 PG6 DA . -15.43 -24.85 -20.54
H22 PG6 DA . -16.68 -24.45 -19.65
H31 PG6 DA . -15.36 -24.16 -17.80
H32 PG6 DA . -14.12 -24.81 -18.51
H41 PG6 DA . -12.91 -22.80 -17.80
H42 PG6 DA . -13.44 -21.41 -18.35
H51 PG6 DA . -15.39 -21.68 -16.98
H52 PG6 DA . -14.70 -22.95 -16.34
H61 PG6 DA . -14.81 -22.12 -14.31
H62 PG6 DA . -14.00 -20.81 -13.91
H71 PG6 DA . -16.48 -20.85 -15.30
H72 PG6 DA . -16.28 -20.31 -13.83
H81 PG6 DA . -16.26 -17.38 -15.65
H82 PG6 DA . -17.11 -18.56 -16.26
H91 PG6 DA . -18.38 -17.62 -14.58
H92 PG6 DA . -17.92 -19.04 -14.07
H101 PG6 DA . -18.54 -16.45 -12.61
H102 PG6 DA . -17.43 -16.64 -11.50
H111 PG6 DA . -19.25 -18.67 -12.30
H112 PG6 DA . -18.07 -18.92 -11.28
H121 PG6 DA . -21.40 -17.84 -9.99
H122 PG6 DA . -21.15 -18.58 -11.37
H123 PG6 DA . -21.11 -17.01 -11.30
#